data_6GQI
#
_entry.id   6GQI
#
_cell.length_a   65.069
_cell.length_b   93.690
_cell.length_c   159.639
_cell.angle_alpha   90.00
_cell.angle_beta   90.00
_cell.angle_gamma   90.00
#
_symmetry.space_group_name_H-M   'P 21 21 21'
#
loop_
_entity.id
_entity.type
_entity.pdbx_description
1 polymer 'Cyclohexanone Monooxygenase from Thermocrispum municipale'
2 non-polymer 'FLAVIN-ADENINE DINUCLEOTIDE'
3 non-polymer 'NADP NICOTINAMIDE-ADENINE-DINUCLEOTIDE PHOSPHATE'
4 non-polymer 'HEXANOIC ACID'
5 non-polymer 'ACETATE ION'
6 water water
#
_entity_poly.entity_id   1
_entity_poly.type   'polypeptide(L)'
_entity_poly.pdbx_seq_one_letter_code
;MSTTQTPDLDAIVIGAGFGGIYMLHKLRNDLGLSVRVFEKGGGVGGTWYWNKYPGAKSDTEGFVYRYSFDKELLREYDWT
TRYLDQPDVLAYLEHVVERYDLARDIQLNTEVTDAIFDEETELWRVTTAGGETLTARFLVTALGLLSRSNIPDIPGRDSF
AGRLVHTNAWPEDLDITGKRVGVIGTGSTGTQFIVAAAKMAEQLTVFQRTPQYCVPSGNGPMDPDEVARIKQNFDSIWDQ
VRSSTVAFGFEESTVEAMSVSESERQRVFQQAWDKGNGFRFMFGTFCDIATNPEANAAAAAFIRSKIAEIVKDPETARKL
TPTDLYAKRPLCNEGYYETYNRDNVSLVSLKETPIEEIVPQGVRTSDGVVHELDVLVFATGFDAVDGNYRAMNLRGRDGR
HINEHWTEGPTSYLGVTKAGFPNMFMILGPNGPFTNLPPSIEAQVEWISDLIDKATREGLTTVEPTADAEREWTETCAEI
ANMTLFPKADSWIFGANIPGKRHAVMFYLGGLGNYRRQLADVADGGYRGFQLRGERAQAVA
;
_entity_poly.pdbx_strand_id   A,B
#
# COMPACT_ATOMS: atom_id res chain seq x y z
N THR A 6 -7.02 -30.07 -18.34
CA THR A 6 -7.17 -28.62 -17.97
C THR A 6 -6.94 -28.54 -16.44
N PRO A 7 -6.13 -27.58 -15.98
CA PRO A 7 -5.68 -27.74 -14.59
C PRO A 7 -6.68 -27.22 -13.60
N ASP A 8 -6.47 -27.63 -12.35
CA ASP A 8 -7.21 -27.08 -11.21
C ASP A 8 -6.98 -25.57 -11.09
N LEU A 9 -5.73 -25.15 -11.28
CA LEU A 9 -5.40 -23.75 -11.16
C LEU A 9 -4.53 -23.33 -12.33
N ASP A 10 -4.58 -22.05 -12.75
CA ASP A 10 -3.58 -21.56 -13.71
C ASP A 10 -2.21 -21.60 -13.09
N ALA A 11 -2.14 -21.14 -11.83
CA ALA A 11 -0.82 -21.14 -11.17
C ALA A 11 -0.90 -21.47 -9.72
N ILE A 12 0.15 -22.10 -9.20
CA ILE A 12 0.29 -22.27 -7.78
C ILE A 12 1.61 -21.64 -7.40
N VAL A 13 1.55 -20.83 -6.33
CA VAL A 13 2.71 -20.21 -5.81
C VAL A 13 2.98 -20.79 -4.44
N ILE A 14 4.24 -21.08 -4.18
CA ILE A 14 4.67 -21.62 -2.92
C ILE A 14 5.43 -20.57 -2.16
N GLY A 15 4.90 -20.16 -1.02
CA GLY A 15 5.55 -19.15 -0.11
C GLY A 15 4.74 -17.88 -0.01
N ALA A 16 4.68 -17.33 1.20
CA ALA A 16 3.92 -16.05 1.46
C ALA A 16 4.80 -15.01 2.21
N GLY A 17 6.08 -15.00 1.82
CA GLY A 17 6.98 -13.90 2.09
C GLY A 17 6.86 -12.80 1.03
N PHE A 18 7.75 -11.83 1.10
CA PHE A 18 7.85 -10.82 -0.04
C PHE A 18 7.65 -11.37 -1.45
N GLY A 19 8.30 -12.49 -1.69
CA GLY A 19 8.27 -13.19 -2.99
C GLY A 19 6.84 -13.59 -3.38
N GLY A 20 6.21 -14.41 -2.57
CA GLY A 20 4.98 -14.97 -3.00
C GLY A 20 3.79 -14.04 -2.96
N ILE A 21 3.79 -13.10 -2.00
CA ILE A 21 2.77 -12.06 -1.89
C ILE A 21 2.70 -11.31 -3.19
N TYR A 22 3.88 -10.92 -3.73
CA TYR A 22 3.92 -10.11 -4.93
C TYR A 22 3.59 -10.92 -6.12
N MET A 23 4.15 -12.12 -6.23
CA MET A 23 3.77 -13.07 -7.29
C MET A 23 2.27 -13.28 -7.45
N LEU A 24 1.65 -13.43 -6.29
CA LEU A 24 0.22 -13.62 -6.28
C LEU A 24 -0.49 -12.38 -6.80
N HIS A 25 -0.18 -11.26 -6.22
CA HIS A 25 -0.72 -10.05 -6.69
C HIS A 25 -0.67 -9.89 -8.24
N LYS A 26 0.50 -10.13 -8.80
CA LYS A 26 0.63 -9.96 -10.25
C LYS A 26 -0.21 -11.00 -10.99
N LEU A 27 -0.13 -12.28 -10.58
CA LEU A 27 -0.77 -13.34 -11.39
C LEU A 27 -2.26 -13.23 -11.29
N ARG A 28 -2.76 -12.92 -10.07
CA ARG A 28 -4.18 -12.72 -9.87
C ARG A 28 -4.75 -11.36 -10.25
N ASN A 29 -4.24 -10.30 -9.62
CA ASN A 29 -4.78 -8.98 -9.80
C ASN A 29 -4.40 -8.39 -11.15
N ASP A 30 -3.16 -8.65 -11.66
CA ASP A 30 -2.80 -8.08 -13.00
C ASP A 30 -3.19 -8.99 -14.15
N LEU A 31 -2.78 -10.23 -14.13
CA LEU A 31 -3.13 -11.10 -15.22
C LEU A 31 -4.51 -11.76 -15.26
N GLY A 32 -5.20 -11.75 -14.13
CA GLY A 32 -6.59 -12.27 -13.98
C GLY A 32 -6.56 -13.79 -14.01
N LEU A 33 -5.44 -14.40 -13.61
CA LEU A 33 -5.39 -15.85 -13.54
C LEU A 33 -6.02 -16.41 -12.21
N SER A 34 -6.30 -17.73 -12.17
CA SER A 34 -6.71 -18.45 -10.98
C SER A 34 -5.41 -19.00 -10.36
N VAL A 35 -5.22 -18.56 -9.13
CA VAL A 35 -4.02 -18.73 -8.43
C VAL A 35 -4.26 -19.05 -6.95
N ARG A 36 -3.40 -19.90 -6.40
CA ARG A 36 -3.37 -20.01 -4.96
C ARG A 36 -1.99 -20.06 -4.45
N VAL A 37 -1.80 -19.51 -3.26
CA VAL A 37 -0.53 -19.60 -2.60
C VAL A 37 -0.61 -20.64 -1.51
N PHE A 38 0.37 -21.52 -1.39
CA PHE A 38 0.52 -22.42 -0.25
C PHE A 38 1.69 -21.97 0.58
N GLU A 39 1.41 -21.70 1.85
CA GLU A 39 2.41 -21.28 2.79
C GLU A 39 2.33 -22.21 4.03
N LYS A 40 3.46 -22.75 4.46
CA LYS A 40 3.54 -23.66 5.58
C LYS A 40 3.40 -23.00 6.90
N GLY A 41 3.69 -21.76 6.96
CA GLY A 41 3.49 -21.02 8.20
C GLY A 41 2.07 -20.72 8.50
N GLY A 42 1.82 -20.42 9.78
CA GLY A 42 0.53 -20.04 10.27
C GLY A 42 0.11 -18.64 9.98
N GLY A 43 0.98 -17.90 9.35
CA GLY A 43 0.66 -16.60 8.92
C GLY A 43 1.58 -16.13 7.81
N VAL A 44 1.16 -15.03 7.13
CA VAL A 44 2.03 -14.55 6.00
C VAL A 44 3.31 -13.83 6.52
N GLY A 45 4.24 -13.56 5.65
CA GLY A 45 5.38 -12.74 6.06
C GLY A 45 6.73 -13.39 5.88
N GLY A 46 6.69 -14.70 5.67
CA GLY A 46 7.88 -15.45 5.45
C GLY A 46 8.86 -15.20 6.59
N THR A 47 10.02 -14.74 6.25
CA THR A 47 11.07 -14.49 7.18
C THR A 47 10.63 -13.76 8.42
N TRP A 48 9.73 -12.80 8.19
CA TRP A 48 9.31 -11.82 9.15
C TRP A 48 8.11 -12.30 9.95
N TYR A 49 7.52 -13.44 9.51
CA TYR A 49 6.67 -14.31 10.36
C TYR A 49 7.45 -15.20 11.36
N TRP A 50 8.41 -15.92 10.85
CA TRP A 50 9.14 -16.94 11.58
C TRP A 50 10.11 -16.37 12.59
N ASN A 51 10.79 -15.27 12.24
CA ASN A 51 11.98 -14.84 13.01
C ASN A 51 11.58 -13.86 14.11
N LYS A 52 10.90 -14.44 15.12
CA LYS A 52 10.34 -13.63 16.20
C LYS A 52 11.30 -13.31 17.33
N TYR A 53 12.55 -13.74 17.20
CA TYR A 53 13.52 -13.53 18.22
C TYR A 53 13.78 -12.06 18.52
N PRO A 54 14.24 -11.78 19.78
CA PRO A 54 14.59 -10.40 20.18
C PRO A 54 15.80 -9.86 19.42
N GLY A 55 15.63 -8.65 18.87
CA GLY A 55 16.61 -8.00 18.05
C GLY A 55 16.48 -8.31 16.59
N ALA A 56 15.59 -9.24 16.19
CA ALA A 56 15.40 -9.49 14.78
C ALA A 56 15.05 -8.18 14.02
N LYS A 57 15.82 -7.88 13.00
CA LYS A 57 15.54 -6.67 12.19
C LYS A 57 16.29 -6.77 10.87
N SER A 58 15.87 -5.96 9.91
CA SER A 58 16.61 -5.90 8.64
C SER A 58 17.72 -4.83 8.68
N ASP A 59 18.82 -5.12 8.00
CA ASP A 59 20.01 -4.24 7.82
C ASP A 59 19.92 -3.33 6.53
N THR A 60 18.98 -3.60 5.60
CA THR A 60 18.65 -2.72 4.56
C THR A 60 17.99 -1.54 5.24
N GLU A 61 18.39 -0.33 4.97
CA GLU A 61 17.72 0.75 5.70
C GLU A 61 16.28 0.81 5.23
N GLY A 62 15.47 1.11 6.19
CA GLY A 62 14.08 1.05 6.10
C GLY A 62 13.50 1.71 4.91
N PHE A 63 14.00 2.89 4.49
CA PHE A 63 13.35 3.49 3.30
C PHE A 63 13.27 2.66 2.00
N VAL A 64 14.22 1.70 1.82
CA VAL A 64 14.26 0.84 0.63
C VAL A 64 14.05 -0.64 1.00
N TYR A 65 13.64 -0.93 2.25
CA TYR A 65 13.33 -2.32 2.64
C TYR A 65 11.83 -2.52 2.53
N ARG A 66 11.39 -2.54 1.28
CA ARG A 66 9.98 -2.42 0.93
C ARG A 66 9.81 -2.54 -0.54
N TYR A 67 8.54 -2.76 -0.94
CA TYR A 67 8.19 -2.78 -2.37
C TYR A 67 8.28 -1.36 -2.92
N SER A 68 8.40 -1.28 -4.24
CA SER A 68 8.45 -0.03 -4.97
C SER A 68 7.40 0.02 -6.03
N PHE A 69 6.77 -1.10 -6.38
CA PHE A 69 5.84 -1.10 -7.53
C PHE A 69 4.63 -0.26 -7.42
N ASP A 70 4.21 0.12 -6.23
CA ASP A 70 2.98 0.94 -6.06
C ASP A 70 3.40 2.26 -5.36
N LYS A 71 3.20 3.31 -6.16
CA LYS A 71 3.65 4.63 -5.77
C LYS A 71 2.85 5.22 -4.68
N GLU A 72 1.57 4.89 -4.62
CA GLU A 72 0.71 5.28 -3.48
C GLU A 72 1.18 4.69 -2.19
N LEU A 73 1.46 3.40 -2.19
CA LEU A 73 1.88 2.71 -0.97
C LEU A 73 3.19 3.28 -0.47
N LEU A 74 4.08 3.58 -1.42
CA LEU A 74 5.37 4.18 -1.11
C LEU A 74 5.25 5.42 -0.34
N ARG A 75 4.28 6.21 -0.69
CA ARG A 75 4.06 7.49 -0.09
C ARG A 75 3.19 7.48 1.11
N GLU A 76 2.26 6.51 1.20
CA GLU A 76 1.46 6.43 2.43
C GLU A 76 2.21 5.77 3.62
N TYR A 77 3.03 4.75 3.44
CA TYR A 77 3.49 3.98 4.60
C TYR A 77 4.65 4.70 5.29
N ASP A 78 4.58 4.79 6.59
CA ASP A 78 5.59 5.45 7.41
C ASP A 78 6.38 4.42 8.16
N TRP A 79 7.63 4.75 8.41
CA TRP A 79 8.47 3.93 9.25
C TRP A 79 9.08 4.92 10.21
N THR A 80 9.34 4.50 11.44
CA THR A 80 9.72 5.44 12.46
C THR A 80 11.13 5.32 12.94
N THR A 81 11.84 4.31 12.53
CA THR A 81 13.24 4.11 12.89
C THR A 81 14.01 3.78 11.57
N ARG A 82 15.26 4.10 11.62
CA ARG A 82 16.12 4.01 10.46
C ARG A 82 16.03 2.60 9.91
N TYR A 83 16.14 1.59 10.76
CA TYR A 83 16.04 0.19 10.30
C TYR A 83 14.74 -0.35 10.82
N LEU A 84 14.23 -1.41 10.15
CA LEU A 84 12.91 -1.99 10.48
C LEU A 84 13.05 -3.25 11.34
N ASP A 85 12.37 -3.26 12.50
CA ASP A 85 12.28 -4.45 13.37
C ASP A 85 11.37 -5.53 12.75
N GLN A 86 11.64 -6.77 13.09
CA GLN A 86 10.77 -7.89 12.59
C GLN A 86 9.29 -7.58 12.66
N PRO A 87 8.80 -7.10 13.85
CA PRO A 87 7.36 -6.76 13.85
C PRO A 87 6.96 -5.66 12.89
N ASP A 88 7.87 -4.70 12.60
CA ASP A 88 7.49 -3.61 11.71
C ASP A 88 7.39 -4.15 10.28
N VAL A 89 8.26 -5.10 9.89
CA VAL A 89 8.22 -5.62 8.54
C VAL A 89 7.04 -6.53 8.40
N LEU A 90 6.80 -7.36 9.38
CA LEU A 90 5.61 -8.24 9.31
C LEU A 90 4.32 -7.43 9.16
N ALA A 91 4.19 -6.41 10.00
CA ALA A 91 3.03 -5.54 9.88
C ALA A 91 2.89 -4.91 8.48
N TYR A 92 3.99 -4.55 7.85
CA TYR A 92 4.01 -4.03 6.46
C TYR A 92 3.53 -5.08 5.49
N LEU A 93 4.06 -6.34 5.53
CA LEU A 93 3.65 -7.35 4.58
C LEU A 93 2.14 -7.69 4.78
N GLU A 94 1.69 -7.64 6.01
CA GLU A 94 0.23 -7.81 6.31
C GLU A 94 -0.68 -6.73 5.71
N HIS A 95 -0.15 -5.52 5.75
CA HIS A 95 -0.88 -4.39 5.20
C HIS A 95 -0.91 -4.55 3.69
N VAL A 96 0.17 -5.04 3.06
CA VAL A 96 0.14 -5.24 1.60
C VAL A 96 -0.92 -6.28 1.25
N VAL A 97 -0.89 -7.35 2.02
CA VAL A 97 -1.85 -8.43 1.86
C VAL A 97 -3.29 -7.92 1.96
N GLU A 98 -3.57 -7.03 2.92
CA GLU A 98 -4.93 -6.44 3.05
C GLU A 98 -5.25 -5.55 1.89
N ARG A 99 -4.28 -4.71 1.57
CA ARG A 99 -4.44 -3.67 0.51
C ARG A 99 -4.89 -4.29 -0.80
N TYR A 100 -4.28 -5.42 -1.11
CA TYR A 100 -4.52 -6.04 -2.37
C TYR A 100 -5.48 -7.22 -2.31
N ASP A 101 -6.14 -7.42 -1.14
CA ASP A 101 -7.18 -8.48 -0.99
C ASP A 101 -6.59 -9.85 -1.30
N LEU A 102 -5.41 -10.13 -0.76
CA LEU A 102 -4.65 -11.33 -1.13
C LEU A 102 -4.89 -12.52 -0.18
N ALA A 103 -5.44 -12.29 1.01
CA ALA A 103 -5.56 -13.34 2.05
C ALA A 103 -6.42 -14.44 1.59
N ARG A 104 -7.46 -14.11 0.83
CA ARG A 104 -8.40 -15.11 0.32
C ARG A 104 -7.85 -16.14 -0.61
N ASP A 105 -6.68 -15.92 -1.16
CA ASP A 105 -6.01 -16.91 -1.98
C ASP A 105 -4.67 -17.33 -1.41
N ILE A 106 -4.46 -17.10 -0.11
CA ILE A 106 -3.30 -17.60 0.59
C ILE A 106 -3.74 -18.70 1.60
N GLN A 107 -3.30 -19.93 1.39
CA GLN A 107 -3.72 -21.05 2.26
C GLN A 107 -2.55 -21.31 3.16
N LEU A 108 -2.73 -20.94 4.41
CA LEU A 108 -1.75 -21.07 5.40
C LEU A 108 -1.67 -22.47 5.99
N ASN A 109 -0.61 -22.67 6.75
CA ASN A 109 -0.33 -23.94 7.41
C ASN A 109 -0.13 -25.12 6.42
N THR A 110 0.09 -24.81 5.14
CA THR A 110 0.09 -25.87 4.09
C THR A 110 1.47 -26.00 3.49
N GLU A 111 2.16 -27.06 3.86
CA GLU A 111 3.46 -27.37 3.32
C GLU A 111 3.27 -28.12 2.00
N VAL A 112 3.85 -27.64 0.90
CA VAL A 112 3.93 -28.46 -0.29
C VAL A 112 5.05 -29.49 -0.14
N THR A 113 4.68 -30.75 -0.26
CA THR A 113 5.64 -31.84 -0.03
C THR A 113 6.12 -32.37 -1.36
N ASP A 114 5.29 -32.25 -2.38
CA ASP A 114 5.62 -32.83 -3.71
C ASP A 114 5.22 -31.85 -4.79
N ALA A 115 6.05 -31.79 -5.81
CA ALA A 115 5.71 -31.01 -6.99
C ALA A 115 6.30 -31.80 -8.13
N ILE A 116 5.45 -32.30 -9.01
CA ILE A 116 5.83 -33.32 -10.00
C ILE A 116 5.34 -32.81 -11.34
N PHE A 117 6.24 -32.71 -12.34
CA PHE A 117 5.81 -32.30 -13.65
C PHE A 117 5.24 -33.51 -14.32
N ASP A 118 4.03 -33.39 -14.80
CA ASP A 118 3.39 -34.52 -15.43
C ASP A 118 3.45 -34.34 -16.95
N GLU A 119 4.37 -35.07 -17.56
CA GLU A 119 4.67 -34.82 -18.97
C GLU A 119 3.39 -35.19 -19.84
N GLU A 120 2.48 -36.07 -19.30
CA GLU A 120 1.31 -36.51 -20.13
C GLU A 120 0.36 -35.32 -20.39
N THR A 121 0.15 -34.57 -19.31
CA THR A 121 -0.82 -33.52 -19.26
C THR A 121 -0.21 -32.15 -19.42
N GLU A 122 1.12 -32.10 -19.26
CA GLU A 122 1.96 -30.89 -19.29
C GLU A 122 1.52 -29.98 -18.22
N LEU A 123 1.29 -30.55 -17.04
CA LEU A 123 0.86 -29.79 -15.88
C LEU A 123 1.70 -30.20 -14.72
N TRP A 124 1.76 -29.29 -13.78
CA TRP A 124 2.42 -29.52 -12.47
C TRP A 124 1.40 -30.12 -11.49
N ARG A 125 1.77 -31.22 -10.84
CA ARG A 125 0.94 -31.82 -9.84
C ARG A 125 1.56 -31.63 -8.51
N VAL A 126 0.86 -30.90 -7.64
CA VAL A 126 1.38 -30.43 -6.38
C VAL A 126 0.62 -31.10 -5.24
N THR A 127 1.38 -31.60 -4.25
CA THR A 127 0.82 -32.24 -3.11
C THR A 127 1.29 -31.58 -1.87
N THR A 128 0.31 -31.44 -0.96
CA THR A 128 0.48 -30.88 0.39
C THR A 128 0.58 -31.98 1.44
N ALA A 129 1.14 -31.56 2.59
CA ALA A 129 1.30 -32.38 3.81
C ALA A 129 -0.08 -32.80 4.29
N GLY A 130 -1.06 -31.96 3.98
CA GLY A 130 -2.50 -32.17 4.24
C GLY A 130 -3.28 -33.17 3.37
N GLY A 131 -2.56 -33.83 2.43
CA GLY A 131 -3.07 -34.72 1.43
C GLY A 131 -3.98 -34.12 0.39
N GLU A 132 -3.85 -32.82 0.08
CA GLU A 132 -4.41 -32.28 -1.18
C GLU A 132 -3.41 -32.49 -2.36
N THR A 133 -3.90 -32.98 -3.49
CA THR A 133 -3.12 -32.91 -4.68
C THR A 133 -3.95 -32.11 -5.65
N LEU A 134 -3.26 -31.19 -6.33
CA LEU A 134 -3.85 -30.41 -7.42
C LEU A 134 -2.84 -30.01 -8.47
N THR A 135 -3.45 -29.70 -9.60
CA THR A 135 -2.79 -29.45 -10.79
C THR A 135 -2.78 -27.94 -11.14
N ALA A 136 -1.64 -27.50 -11.71
CA ALA A 136 -1.55 -26.16 -12.23
C ALA A 136 -0.62 -26.12 -13.43
N ARG A 137 -0.94 -25.25 -14.37
CA ARG A 137 -0.05 -25.07 -15.55
C ARG A 137 1.30 -24.49 -15.12
N PHE A 138 1.25 -23.44 -14.29
CA PHE A 138 2.50 -22.77 -13.80
C PHE A 138 2.75 -22.91 -12.28
N LEU A 139 3.96 -23.26 -11.95
CA LEU A 139 4.40 -23.31 -10.60
C LEU A 139 5.47 -22.23 -10.34
N VAL A 140 5.20 -21.41 -9.32
CA VAL A 140 6.21 -20.46 -8.84
C VAL A 140 6.67 -20.80 -7.44
N THR A 141 7.96 -21.05 -7.27
CA THR A 141 8.48 -21.38 -5.97
C THR A 141 9.16 -20.20 -5.32
N ALA A 142 8.61 -19.60 -4.31
CA ALA A 142 9.14 -18.46 -3.55
C ALA A 142 9.50 -18.95 -2.16
N LEU A 143 10.46 -19.88 -2.15
CA LEU A 143 10.72 -20.76 -0.95
C LEU A 143 11.66 -20.12 0.04
N GLY A 144 12.23 -18.98 -0.35
CA GLY A 144 13.16 -18.26 0.49
C GLY A 144 14.61 -18.82 0.42
N LEU A 145 15.52 -17.93 0.19
CA LEU A 145 16.92 -18.23 0.24
C LEU A 145 17.46 -18.55 1.64
N LEU A 146 16.83 -17.99 2.65
CA LEU A 146 17.30 -18.07 4.03
C LEU A 146 16.07 -18.42 4.88
N SER A 147 15.56 -19.61 4.60
N SER A 147 15.53 -19.61 4.58
CA SER A 147 14.27 -20.06 5.16
CA SER A 147 14.25 -20.04 5.18
C SER A 147 14.34 -21.43 5.89
C SER A 147 14.30 -21.44 5.86
N ARG A 148 15.12 -22.32 5.36
CA ARG A 148 15.25 -23.61 5.91
C ARG A 148 16.25 -23.63 7.02
N SER A 149 15.78 -23.79 8.24
CA SER A 149 16.64 -23.77 9.44
C SER A 149 17.71 -24.84 9.33
N ASN A 150 18.91 -24.48 9.73
CA ASN A 150 20.01 -25.39 9.89
C ASN A 150 20.19 -25.60 11.42
N ILE A 151 19.88 -26.80 11.90
CA ILE A 151 20.13 -27.22 13.29
C ILE A 151 21.18 -28.38 13.32
N PRO A 152 22.43 -28.11 13.66
CA PRO A 152 23.45 -29.13 13.68
C PRO A 152 23.14 -30.20 14.68
N ASP A 153 23.56 -31.42 14.34
CA ASP A 153 23.51 -32.61 15.24
C ASP A 153 24.66 -32.63 16.26
N ILE A 154 24.62 -31.64 17.15
CA ILE A 154 25.49 -31.55 18.33
C ILE A 154 25.18 -32.70 19.30
N PRO A 155 26.20 -33.45 19.76
CA PRO A 155 25.91 -34.55 20.71
C PRO A 155 25.21 -34.13 21.95
N GLY A 156 24.18 -34.90 22.29
CA GLY A 156 23.36 -34.63 23.44
C GLY A 156 22.32 -33.53 23.27
N ARG A 157 22.19 -32.96 22.06
CA ARG A 157 21.27 -31.81 21.85
C ARG A 157 19.85 -32.03 22.43
N ASP A 158 19.28 -33.20 22.16
CA ASP A 158 17.89 -33.43 22.53
C ASP A 158 17.73 -33.73 24.01
N SER A 159 18.80 -34.03 24.73
CA SER A 159 18.78 -34.11 26.23
C SER A 159 18.60 -32.77 26.96
N PHE A 160 18.74 -31.65 26.29
CA PHE A 160 18.67 -30.34 26.98
C PHE A 160 17.31 -30.16 27.67
N ALA A 161 17.33 -29.90 28.98
CA ALA A 161 16.10 -29.80 29.82
C ALA A 161 15.27 -28.54 29.67
N GLY A 162 15.91 -27.45 29.25
CA GLY A 162 15.28 -26.16 29.14
C GLY A 162 14.76 -25.96 27.72
N ARG A 163 14.47 -24.69 27.39
CA ARG A 163 13.90 -24.37 26.09
C ARG A 163 15.04 -24.31 25.05
N LEU A 164 15.00 -25.21 24.07
CA LEU A 164 15.95 -25.22 22.96
C LEU A 164 15.22 -24.81 21.70
N VAL A 165 15.67 -23.71 21.06
CA VAL A 165 15.00 -23.12 19.89
C VAL A 165 16.05 -22.64 18.82
N HIS A 166 15.71 -22.81 17.58
CA HIS A 166 16.38 -22.08 16.53
C HIS A 166 15.71 -20.68 16.40
N THR A 167 16.54 -19.71 15.98
CA THR A 167 16.06 -18.35 15.80
C THR A 167 14.91 -18.30 14.77
N ASN A 168 15.01 -19.12 13.75
CA ASN A 168 14.01 -19.21 12.67
C ASN A 168 12.70 -19.94 13.09
N ALA A 169 12.67 -20.43 14.32
CA ALA A 169 11.51 -21.07 14.92
C ALA A 169 11.18 -20.43 16.28
N TRP A 170 11.45 -19.13 16.45
CA TRP A 170 11.37 -18.49 17.77
C TRP A 170 9.89 -18.52 18.19
N PRO A 171 9.63 -19.13 19.36
CA PRO A 171 8.26 -19.22 19.79
C PRO A 171 7.76 -17.91 20.42
N GLU A 172 6.54 -17.55 20.12
CA GLU A 172 6.03 -16.24 20.56
C GLU A 172 5.84 -16.13 22.06
N ASP A 173 5.63 -17.26 22.67
CA ASP A 173 5.50 -17.31 24.16
C ASP A 173 6.86 -17.12 24.92
N LEU A 174 8.01 -17.44 24.30
CA LEU A 174 9.28 -17.42 25.04
C LEU A 174 9.74 -16.02 25.44
N ASP A 175 9.85 -15.79 26.74
CA ASP A 175 10.39 -14.58 27.29
C ASP A 175 11.70 -14.94 27.98
N ILE A 176 12.82 -14.46 27.45
CA ILE A 176 14.09 -14.80 28.05
C ILE A 176 14.48 -13.86 29.14
N THR A 177 13.59 -12.93 29.53
CA THR A 177 13.93 -12.00 30.59
C THR A 177 14.27 -12.77 31.86
N GLY A 178 15.39 -12.39 32.44
CA GLY A 178 15.94 -12.95 33.66
C GLY A 178 16.43 -14.38 33.61
N LYS A 179 16.48 -15.01 32.44
CA LYS A 179 16.90 -16.43 32.28
C LYS A 179 18.34 -16.57 31.88
N ARG A 180 18.89 -17.79 32.00
CA ARG A 180 20.26 -18.06 31.70
C ARG A 180 20.29 -18.54 30.26
N VAL A 181 20.76 -17.67 29.33
CA VAL A 181 20.57 -17.92 27.90
C VAL A 181 21.90 -18.22 27.24
N GLY A 182 21.95 -19.26 26.45
CA GLY A 182 23.14 -19.67 25.66
C GLY A 182 22.83 -19.44 24.19
N VAL A 183 23.76 -18.90 23.40
CA VAL A 183 23.50 -18.80 21.91
C VAL A 183 24.69 -19.39 21.14
N ILE A 184 24.41 -20.21 20.11
CA ILE A 184 25.39 -20.82 19.31
C ILE A 184 25.29 -20.17 17.95
N GLY A 185 26.34 -19.39 17.58
CA GLY A 185 26.43 -18.82 16.28
C GLY A 185 26.47 -17.32 16.39
N THR A 186 27.33 -16.73 15.60
CA THR A 186 27.57 -15.31 15.65
C THR A 186 27.68 -14.66 14.26
N GLY A 187 26.81 -15.08 13.32
CA GLY A 187 26.48 -14.28 12.15
C GLY A 187 25.51 -13.14 12.45
N SER A 188 24.85 -12.72 11.39
N SER A 188 24.85 -12.72 11.37
CA SER A 188 23.98 -11.62 11.47
CA SER A 188 23.96 -11.62 11.42
C SER A 188 22.83 -11.86 12.46
C SER A 188 22.81 -11.85 12.42
N THR A 189 22.28 -13.08 12.48
CA THR A 189 21.26 -13.42 13.48
C THR A 189 21.82 -13.44 14.92
N GLY A 190 22.90 -14.20 15.12
CA GLY A 190 23.47 -14.39 16.41
C GLY A 190 23.77 -13.03 17.01
N THR A 191 24.50 -12.20 16.22
CA THR A 191 25.01 -10.97 16.75
C THR A 191 23.87 -10.03 17.08
N GLN A 192 22.78 -9.94 16.31
CA GLN A 192 21.70 -8.97 16.68
C GLN A 192 20.84 -9.53 17.87
N PHE A 193 20.79 -10.85 17.95
CA PHE A 193 20.18 -11.49 19.08
C PHE A 193 20.95 -11.16 20.33
N ILE A 194 22.25 -11.31 20.26
CA ILE A 194 23.08 -11.07 21.37
C ILE A 194 22.92 -9.67 21.92
N VAL A 195 22.87 -8.68 21.06
CA VAL A 195 22.73 -7.31 21.49
C VAL A 195 21.46 -7.15 22.26
N ALA A 196 20.36 -7.63 21.70
CA ALA A 196 19.04 -7.45 22.33
C ALA A 196 18.95 -8.34 23.53
N ALA A 197 19.34 -9.60 23.37
CA ALA A 197 19.29 -10.56 24.48
C ALA A 197 20.11 -10.21 25.71
N ALA A 198 21.29 -9.63 25.52
CA ALA A 198 22.11 -9.14 26.68
C ALA A 198 21.41 -8.12 27.61
N LYS A 199 20.45 -7.32 27.09
CA LYS A 199 19.57 -6.37 27.84
C LYS A 199 18.49 -7.11 28.65
N MET A 200 18.22 -8.35 28.26
CA MET A 200 17.09 -9.16 28.86
C MET A 200 17.48 -10.22 29.82
N ALA A 201 18.47 -10.99 29.44
CA ALA A 201 18.86 -12.22 30.17
C ALA A 201 19.65 -11.86 31.38
N GLU A 202 19.57 -12.78 32.33
CA GLU A 202 20.32 -12.71 33.53
C GLU A 202 21.79 -13.02 33.22
N GLN A 203 22.02 -14.00 32.38
CA GLN A 203 23.35 -14.30 31.89
C GLN A 203 23.16 -14.75 30.44
N LEU A 204 24.05 -14.24 29.56
CA LEU A 204 24.12 -14.62 28.16
C LEU A 204 25.48 -15.24 27.88
N THR A 205 25.44 -16.48 27.45
CA THR A 205 26.65 -17.16 27.11
C THR A 205 26.72 -17.37 25.60
N VAL A 206 27.75 -16.79 25.02
CA VAL A 206 28.03 -16.89 23.59
C VAL A 206 29.06 -17.96 23.22
N PHE A 207 28.61 -18.90 22.39
CA PHE A 207 29.36 -20.05 21.88
C PHE A 207 29.71 -19.68 20.46
N GLN A 208 30.95 -19.28 20.28
CA GLN A 208 31.43 -18.61 19.01
C GLN A 208 32.45 -19.49 18.36
N ARG A 209 32.09 -20.00 17.19
CA ARG A 209 33.03 -20.80 16.43
C ARG A 209 33.98 -19.92 15.62
N THR A 210 33.46 -18.92 14.92
CA THR A 210 34.29 -18.08 14.03
C THR A 210 33.82 -16.66 14.28
N PRO A 211 34.75 -15.78 14.78
CA PRO A 211 34.35 -14.37 14.94
C PRO A 211 34.18 -13.66 13.61
N GLN A 212 33.27 -12.69 13.60
CA GLN A 212 33.01 -11.84 12.43
C GLN A 212 33.25 -10.38 12.68
N TYR A 213 33.45 -9.68 11.55
CA TYR A 213 33.62 -8.26 11.49
C TYR A 213 32.23 -7.65 11.56
N CYS A 214 32.12 -6.52 12.26
CA CYS A 214 30.84 -5.87 12.43
C CYS A 214 31.07 -4.42 12.54
N VAL A 215 30.20 -3.64 11.95
CA VAL A 215 30.27 -2.19 12.12
C VAL A 215 29.00 -1.66 12.75
N PRO A 216 29.01 -0.40 13.25
CA PRO A 216 27.78 0.24 13.73
C PRO A 216 26.66 0.29 12.68
N SER A 217 25.41 0.16 13.13
CA SER A 217 24.26 0.24 12.17
C SER A 217 23.88 1.69 11.92
N GLY A 218 24.10 2.54 12.89
CA GLY A 218 23.53 3.86 12.83
C GLY A 218 22.06 3.92 13.10
N ASN A 219 21.52 2.90 13.78
CA ASN A 219 20.09 2.87 13.94
C ASN A 219 19.62 4.01 14.88
N GLY A 220 18.40 4.46 14.67
CA GLY A 220 17.88 5.47 15.53
C GLY A 220 16.58 5.95 14.94
N PRO A 221 15.94 6.87 15.59
CA PRO A 221 14.60 7.36 15.17
C PRO A 221 14.63 8.16 13.90
N MET A 222 13.60 8.06 13.08
CA MET A 222 13.43 8.97 11.92
C MET A 222 12.75 10.29 12.28
N ASP A 223 13.17 11.33 11.63
CA ASP A 223 12.53 12.64 11.73
C ASP A 223 11.44 12.64 10.64
N PRO A 224 10.16 13.04 10.96
CA PRO A 224 9.15 13.19 9.90
C PRO A 224 9.60 14.05 8.70
N ASP A 225 10.43 15.06 8.89
CA ASP A 225 10.93 15.80 7.70
C ASP A 225 11.82 14.96 6.80
N GLU A 226 12.59 14.04 7.36
CA GLU A 226 13.45 13.22 6.55
C GLU A 226 12.59 12.21 5.82
N VAL A 227 11.56 11.72 6.49
CA VAL A 227 10.67 10.79 5.85
C VAL A 227 9.98 11.49 4.66
N ALA A 228 9.46 12.68 4.87
CA ALA A 228 8.88 13.53 3.79
C ALA A 228 9.80 13.77 2.60
N ARG A 229 11.02 14.15 2.93
CA ARG A 229 12.12 14.37 1.93
C ARG A 229 12.33 13.10 1.11
N ILE A 230 12.47 11.97 1.81
CA ILE A 230 12.66 10.68 1.12
C ILE A 230 11.50 10.45 0.22
N LYS A 231 10.30 10.66 0.74
CA LYS A 231 9.08 10.30 -0.08
C LYS A 231 8.91 11.26 -1.31
N GLN A 232 9.28 12.52 -1.13
CA GLN A 232 9.25 13.50 -2.23
C GLN A 232 10.11 13.00 -3.37
N ASN A 233 11.22 12.39 -2.98
CA ASN A 233 12.22 11.94 -3.94
C ASN A 233 12.23 10.47 -4.20
N PHE A 234 11.07 9.80 -4.01
CA PHE A 234 11.12 8.37 -4.05
C PHE A 234 11.40 7.82 -5.44
N ASP A 235 10.81 8.41 -6.46
CA ASP A 235 11.10 7.98 -7.87
C ASP A 235 12.59 7.93 -8.19
N SER A 236 13.26 9.02 -7.79
CA SER A 236 14.69 9.12 -7.98
C SER A 236 15.49 8.08 -7.18
N ILE A 237 15.06 7.91 -5.92
CA ILE A 237 15.67 6.97 -5.01
C ILE A 237 15.60 5.55 -5.59
N TRP A 238 14.40 5.20 -6.09
CA TRP A 238 14.26 3.84 -6.69
C TRP A 238 15.04 3.70 -7.97
N ASP A 239 15.18 4.76 -8.76
CA ASP A 239 16.02 4.65 -9.97
C ASP A 239 17.43 4.39 -9.56
N GLN A 240 17.93 5.06 -8.56
CA GLN A 240 19.26 4.74 -8.09
C GLN A 240 19.43 3.29 -7.64
N VAL A 241 18.45 2.85 -6.85
CA VAL A 241 18.47 1.50 -6.34
C VAL A 241 18.58 0.53 -7.51
N ARG A 242 17.66 0.62 -8.46
CA ARG A 242 17.61 -0.36 -9.55
C ARG A 242 18.81 -0.41 -10.48
N SER A 243 19.53 0.70 -10.67
CA SER A 243 20.80 0.71 -11.42
C SER A 243 21.98 0.50 -10.58
N SER A 244 21.82 0.28 -9.27
CA SER A 244 23.02 0.08 -8.40
C SER A 244 23.55 -1.36 -8.46
N THR A 245 24.61 -1.65 -7.70
CA THR A 245 25.10 -3.00 -7.56
C THR A 245 24.29 -3.76 -6.46
N VAL A 246 24.31 -3.25 -5.20
CA VAL A 246 23.76 -3.96 -4.01
C VAL A 246 22.35 -3.48 -3.57
N ALA A 247 21.87 -2.41 -4.17
CA ALA A 247 20.53 -1.89 -4.02
C ALA A 247 20.17 -1.45 -2.63
N PHE A 248 21.15 -1.09 -1.81
CA PHE A 248 20.88 -0.69 -0.46
C PHE A 248 20.55 0.80 -0.26
N GLY A 249 20.32 1.53 -1.36
CA GLY A 249 19.96 2.96 -1.27
C GLY A 249 21.09 3.99 -1.11
N PHE A 250 22.32 3.54 -1.36
CA PHE A 250 23.52 4.37 -1.38
C PHE A 250 24.28 4.11 -2.70
N GLU A 251 25.09 5.10 -3.10
CA GLU A 251 25.89 4.95 -4.33
C GLU A 251 27.21 4.27 -3.94
N GLU A 252 27.49 3.15 -4.58
CA GLU A 252 28.73 2.40 -4.37
C GLU A 252 29.92 3.23 -4.78
N SER A 253 31.02 3.18 -4.01
CA SER A 253 32.22 4.00 -4.38
C SER A 253 32.87 3.51 -5.68
N THR A 254 33.42 4.45 -6.47
CA THR A 254 34.29 4.16 -7.61
C THR A 254 35.78 4.44 -7.30
N VAL A 255 36.13 4.64 -6.02
CA VAL A 255 37.51 4.93 -5.63
C VAL A 255 38.25 3.63 -5.25
N GLU A 256 39.36 3.30 -5.87
CA GLU A 256 40.24 2.24 -5.37
C GLU A 256 40.91 2.60 -4.07
N ALA A 257 40.83 1.74 -3.11
CA ALA A 257 41.27 2.02 -1.76
C ALA A 257 42.76 2.28 -1.71
N MET A 258 43.53 1.55 -2.52
CA MET A 258 44.98 1.72 -2.50
C MET A 258 45.50 2.91 -3.32
N SER A 259 44.61 3.71 -3.87
CA SER A 259 44.96 4.79 -4.73
C SER A 259 44.98 6.07 -3.96
N VAL A 260 44.67 6.02 -2.65
CA VAL A 260 44.74 7.18 -1.76
C VAL A 260 45.71 6.97 -0.65
N SER A 261 45.94 8.02 0.14
CA SER A 261 46.91 7.97 1.23
C SER A 261 46.37 7.12 2.39
N GLU A 262 47.28 6.74 3.28
CA GLU A 262 46.95 6.02 4.46
C GLU A 262 45.96 6.88 5.22
N SER A 263 46.24 8.16 5.44
CA SER A 263 45.28 9.08 6.12
C SER A 263 43.90 9.13 5.47
N GLU A 264 43.87 9.12 4.15
CA GLU A 264 42.59 9.12 3.45
C GLU A 264 41.79 7.79 3.74
N ARG A 265 42.45 6.62 3.75
CA ARG A 265 41.79 5.34 4.03
C ARG A 265 41.17 5.36 5.42
N GLN A 266 41.96 5.73 6.41
CA GLN A 266 41.46 5.95 7.73
C GLN A 266 40.28 6.87 7.80
N ARG A 267 40.30 8.01 7.12
CA ARG A 267 39.19 8.93 7.19
C ARG A 267 37.88 8.43 6.51
N VAL A 268 38.05 7.77 5.36
CA VAL A 268 36.91 7.24 4.64
C VAL A 268 36.24 6.13 5.46
N PHE A 269 37.07 5.24 6.05
CA PHE A 269 36.56 4.20 6.95
C PHE A 269 35.92 4.76 8.15
N GLN A 270 36.52 5.78 8.78
CA GLN A 270 35.96 6.37 9.95
C GLN A 270 34.64 7.01 9.64
N GLN A 271 34.59 7.63 8.51
CA GLN A 271 33.36 8.32 8.13
C GLN A 271 32.22 7.32 7.91
N ALA A 272 32.53 6.21 7.25
CA ALA A 272 31.53 5.10 7.04
C ALA A 272 31.14 4.38 8.39
N TRP A 273 32.14 4.17 9.26
CA TRP A 273 31.91 3.66 10.62
C TRP A 273 30.96 4.55 11.40
N ASP A 274 31.18 5.83 11.32
CA ASP A 274 30.35 6.80 12.03
C ASP A 274 28.94 6.87 11.46
N LYS A 275 28.75 6.67 10.17
CA LYS A 275 27.44 6.75 9.61
C LYS A 275 26.68 5.42 9.83
N GLY A 276 27.45 4.34 9.72
CA GLY A 276 26.94 3.01 9.86
C GLY A 276 26.51 2.31 8.59
N ASN A 277 26.15 1.08 8.79
CA ASN A 277 25.65 0.09 7.80
C ASN A 277 26.78 -0.72 7.20
N GLY A 278 26.71 -2.03 7.34
CA GLY A 278 27.76 -2.86 6.96
C GLY A 278 27.96 -2.88 5.43
N PHE A 279 26.89 -2.85 4.66
CA PHE A 279 26.98 -2.73 3.16
C PHE A 279 27.62 -1.41 2.72
N ARG A 280 27.30 -0.30 3.45
CA ARG A 280 27.95 0.99 3.23
C ARG A 280 29.45 0.91 3.51
N PHE A 281 29.81 0.22 4.56
CA PHE A 281 31.19 0.08 4.89
C PHE A 281 31.91 -0.80 3.91
N MET A 282 31.28 -1.84 3.37
CA MET A 282 31.96 -2.72 2.41
C MET A 282 31.93 -2.13 1.01
N PHE A 283 30.91 -1.36 0.66
CA PHE A 283 30.78 -0.87 -0.75
C PHE A 283 30.71 0.60 -1.02
N GLY A 284 30.36 1.38 -0.04
CA GLY A 284 30.30 2.86 -0.21
C GLY A 284 31.57 3.54 0.18
N THR A 285 32.54 2.82 0.70
CA THR A 285 33.83 3.37 1.10
C THR A 285 34.75 3.40 -0.09
N PHE A 286 35.14 2.24 -0.60
CA PHE A 286 36.07 2.12 -1.78
C PHE A 286 35.50 1.04 -2.62
N CYS A 287 35.91 0.95 -3.87
CA CYS A 287 35.24 0.11 -4.87
C CYS A 287 35.87 -1.29 -4.87
N ASP A 288 36.89 -1.53 -4.09
CA ASP A 288 37.61 -2.77 -4.23
C ASP A 288 37.88 -3.42 -2.93
N ILE A 289 37.05 -3.16 -1.93
CA ILE A 289 37.19 -3.87 -0.66
C ILE A 289 37.06 -5.36 -0.90
N ALA A 290 36.17 -5.71 -1.80
CA ALA A 290 35.95 -7.15 -2.04
C ALA A 290 36.65 -7.71 -3.20
N THR A 291 37.49 -6.95 -3.91
CA THR A 291 38.29 -7.54 -4.97
C THR A 291 39.76 -7.48 -4.80
N ASN A 292 40.25 -6.47 -4.07
CA ASN A 292 41.69 -6.23 -3.94
C ASN A 292 42.08 -6.62 -2.54
N PRO A 293 43.03 -7.52 -2.37
CA PRO A 293 43.37 -8.00 -1.09
C PRO A 293 44.04 -7.01 -0.14
N GLU A 294 44.75 -6.01 -0.62
CA GLU A 294 45.26 -5.00 0.33
C GLU A 294 44.11 -4.08 0.77
N ALA A 295 43.20 -3.77 -0.14
CA ALA A 295 42.03 -3.01 0.20
C ALA A 295 41.18 -3.74 1.31
N ASN A 296 41.01 -5.01 1.16
CA ASN A 296 40.26 -5.83 2.09
C ASN A 296 40.96 -5.88 3.46
N ALA A 297 42.27 -6.08 3.46
CA ALA A 297 43.07 -6.17 4.66
C ALA A 297 43.04 -4.88 5.41
N ALA A 298 43.01 -3.78 4.71
CA ALA A 298 42.90 -2.48 5.31
C ALA A 298 41.52 -2.22 6.00
N ALA A 299 40.42 -2.55 5.31
CA ALA A 299 39.06 -2.57 5.93
C ALA A 299 38.96 -3.46 7.20
N ALA A 300 39.50 -4.66 7.09
CA ALA A 300 39.58 -5.55 8.17
C ALA A 300 40.45 -5.05 9.29
N ALA A 301 41.63 -4.54 9.06
CA ALA A 301 42.41 -3.99 10.18
C ALA A 301 41.76 -2.80 10.85
N PHE A 302 40.98 -2.02 10.08
CA PHE A 302 40.28 -0.87 10.61
C PHE A 302 39.30 -1.36 11.67
N ILE A 303 38.58 -2.41 11.33
CA ILE A 303 37.61 -3.04 12.26
C ILE A 303 38.24 -3.67 13.52
N ARG A 304 39.37 -4.34 13.34
CA ARG A 304 40.11 -4.87 14.44
C ARG A 304 40.58 -3.78 15.42
N SER A 305 40.95 -2.61 14.94
CA SER A 305 41.40 -1.58 15.81
C SER A 305 40.26 -1.05 16.69
N LYS A 306 39.05 -1.10 16.13
CA LYS A 306 37.85 -0.70 16.89
C LYS A 306 37.47 -1.75 17.94
N ILE A 307 37.63 -3.03 17.63
CA ILE A 307 37.43 -4.11 18.60
C ILE A 307 38.37 -3.85 19.77
N ALA A 308 39.67 -3.66 19.48
CA ALA A 308 40.63 -3.51 20.55
C ALA A 308 40.38 -2.26 21.38
N GLU A 309 39.83 -1.22 20.76
CA GLU A 309 39.46 0.00 21.50
C GLU A 309 38.24 -0.18 22.36
N ILE A 310 37.21 -0.77 21.80
CA ILE A 310 35.93 -0.87 22.48
C ILE A 310 35.95 -1.91 23.64
N VAL A 311 36.53 -3.07 23.40
CA VAL A 311 36.38 -4.22 24.32
C VAL A 311 37.47 -4.13 25.38
N LYS A 312 37.03 -3.96 26.63
CA LYS A 312 37.93 -3.69 27.75
C LYS A 312 38.67 -4.92 28.21
N ASP A 313 38.04 -6.05 28.15
CA ASP A 313 38.75 -7.24 28.60
C ASP A 313 39.61 -7.67 27.43
N PRO A 314 40.97 -7.68 27.56
CA PRO A 314 41.90 -8.07 26.46
C PRO A 314 41.64 -9.47 25.89
N GLU A 315 41.28 -10.43 26.76
CA GLU A 315 40.96 -11.83 26.37
C GLU A 315 39.74 -11.93 25.51
N THR A 316 38.68 -11.28 25.95
CA THR A 316 37.46 -11.19 25.15
C THR A 316 37.75 -10.51 23.79
N ALA A 317 38.48 -9.39 23.80
CA ALA A 317 38.90 -8.70 22.55
C ALA A 317 39.66 -9.59 21.58
N ARG A 318 40.59 -10.40 22.12
CA ARG A 318 41.32 -11.38 21.36
C ARG A 318 40.38 -12.38 20.72
N LYS A 319 39.50 -13.02 21.50
CA LYS A 319 38.48 -13.97 20.97
C LYS A 319 37.50 -13.44 19.93
N LEU A 320 37.18 -12.12 20.08
CA LEU A 320 36.31 -11.39 19.14
C LEU A 320 36.92 -10.96 17.78
N THR A 321 38.24 -10.99 17.71
CA THR A 321 39.01 -10.40 16.60
C THR A 321 39.27 -11.46 15.56
N PRO A 322 38.60 -11.35 14.41
CA PRO A 322 38.78 -12.37 13.38
C PRO A 322 40.08 -12.10 12.70
N THR A 323 40.59 -13.12 12.04
CA THR A 323 41.83 -12.99 11.29
C THR A 323 41.64 -13.30 9.81
N ASP A 324 40.42 -13.56 9.36
CA ASP A 324 40.15 -14.02 7.98
C ASP A 324 39.66 -12.83 7.12
N LEU A 325 39.28 -13.05 5.88
CA LEU A 325 38.84 -11.96 4.99
C LEU A 325 37.58 -11.28 5.42
N TYR A 326 37.51 -9.98 5.21
CA TYR A 326 36.30 -9.18 5.28
C TYR A 326 35.49 -9.45 4.04
N ALA A 327 34.96 -10.63 3.92
CA ALA A 327 34.24 -11.00 2.72
C ALA A 327 33.04 -11.91 2.97
N LYS A 328 32.59 -12.04 4.21
CA LYS A 328 31.27 -12.66 4.48
C LYS A 328 30.25 -11.55 4.31
N ARG A 329 28.98 -11.91 4.48
CA ARG A 329 27.88 -10.92 4.40
C ARG A 329 28.22 -9.97 5.47
N PRO A 330 28.31 -8.71 5.15
CA PRO A 330 28.79 -7.75 6.14
C PRO A 330 27.76 -7.38 7.23
N LEU A 331 28.23 -7.44 8.45
CA LEU A 331 27.37 -7.17 9.54
C LEU A 331 27.39 -5.75 10.07
N CYS A 332 26.27 -5.38 10.65
CA CYS A 332 26.18 -4.22 11.51
C CYS A 332 25.22 -4.49 12.66
N ASN A 333 25.32 -3.68 13.68
CA ASN A 333 24.51 -3.88 14.92
C ASN A 333 24.56 -2.60 15.68
N GLU A 334 23.71 -2.49 16.70
CA GLU A 334 23.78 -1.31 17.59
C GLU A 334 24.66 -1.71 18.75
N GLY A 335 25.93 -1.39 18.64
CA GLY A 335 26.88 -1.64 19.66
C GLY A 335 27.16 -3.10 20.00
N TYR A 336 27.49 -3.86 18.99
CA TYR A 336 27.79 -5.31 19.17
C TYR A 336 29.05 -5.51 20.08
N TYR A 337 30.21 -4.94 19.71
CA TYR A 337 31.39 -5.24 20.54
C TYR A 337 31.29 -4.70 21.96
N GLU A 338 30.60 -3.55 22.08
CA GLU A 338 30.36 -2.88 23.44
C GLU A 338 29.48 -3.81 24.36
N THR A 339 28.69 -4.68 23.74
CA THR A 339 27.83 -5.62 24.45
C THR A 339 28.73 -6.49 25.28
N TYR A 340 29.94 -6.78 24.84
CA TYR A 340 30.79 -7.69 25.57
C TYR A 340 31.44 -7.07 26.80
N ASN A 341 31.25 -5.74 26.98
CA ASN A 341 31.61 -5.11 28.23
C ASN A 341 30.54 -5.20 29.28
N ARG A 342 29.40 -5.80 28.93
CA ARG A 342 28.38 -6.03 29.87
C ARG A 342 28.88 -7.17 30.79
N ASP A 343 28.48 -7.07 32.04
CA ASP A 343 28.85 -8.06 33.06
C ASP A 343 28.04 -9.37 32.96
N ASN A 344 26.91 -9.32 32.22
CA ASN A 344 26.08 -10.51 32.10
C ASN A 344 26.31 -11.24 30.83
N VAL A 345 27.44 -10.97 30.15
CA VAL A 345 27.76 -11.60 28.91
C VAL A 345 29.11 -12.28 28.98
N SER A 346 29.15 -13.52 28.52
CA SER A 346 30.37 -14.33 28.53
C SER A 346 30.58 -14.87 27.14
N LEU A 347 31.84 -14.98 26.74
CA LEU A 347 32.16 -15.42 25.42
C LEU A 347 32.96 -16.71 25.47
N VAL A 348 32.50 -17.73 24.85
CA VAL A 348 33.27 -18.95 24.79
C VAL A 348 33.70 -19.10 23.36
N SER A 349 34.99 -19.32 23.20
CA SER A 349 35.52 -19.63 21.88
C SER A 349 35.44 -21.11 21.64
N LEU A 350 34.75 -21.56 20.60
CA LEU A 350 34.72 -22.98 20.27
C LEU A 350 35.95 -23.48 19.58
N LYS A 351 36.85 -22.61 19.16
CA LYS A 351 38.16 -22.99 18.62
C LYS A 351 39.02 -23.53 19.76
N GLU A 352 38.89 -22.96 20.95
CA GLU A 352 39.70 -23.37 22.08
C GLU A 352 38.97 -24.38 22.97
N THR A 353 37.70 -24.08 23.28
CA THR A 353 36.91 -24.98 24.08
C THR A 353 35.67 -25.43 23.29
N PRO A 354 35.81 -26.50 22.39
CA PRO A 354 34.67 -26.95 21.57
C PRO A 354 33.60 -27.58 22.40
N ILE A 355 32.37 -27.52 21.93
CA ILE A 355 31.31 -28.21 22.64
C ILE A 355 31.55 -29.73 22.52
N GLU A 356 31.66 -30.41 23.65
CA GLU A 356 31.65 -31.89 23.70
C GLU A 356 30.23 -32.47 23.72
N GLU A 357 29.39 -31.88 24.58
CA GLU A 357 28.08 -32.41 24.83
C GLU A 357 27.13 -31.36 25.34
N ILE A 358 25.92 -31.43 24.79
CA ILE A 358 24.79 -30.77 25.42
C ILE A 358 24.21 -31.75 26.44
N VAL A 359 23.98 -31.21 27.62
CA VAL A 359 23.49 -31.99 28.74
C VAL A 359 22.23 -31.35 29.25
N PRO A 360 21.52 -32.04 30.13
CA PRO A 360 20.23 -31.48 30.54
C PRO A 360 20.23 -30.08 31.05
N GLN A 361 21.28 -29.73 31.79
CA GLN A 361 21.36 -28.43 32.50
C GLN A 361 22.19 -27.35 31.73
N GLY A 362 22.81 -27.72 30.60
CA GLY A 362 23.51 -26.75 29.77
C GLY A 362 24.39 -27.32 28.68
N VAL A 363 25.61 -26.76 28.57
CA VAL A 363 26.55 -27.18 27.54
C VAL A 363 27.87 -27.43 28.16
N ARG A 364 28.35 -28.66 27.93
CA ARG A 364 29.64 -29.01 28.43
C ARG A 364 30.63 -28.81 27.31
N THR A 365 31.64 -28.01 27.57
CA THR A 365 32.69 -27.76 26.56
C THR A 365 33.92 -28.64 26.86
N SER A 366 34.82 -28.69 25.90
CA SER A 366 35.97 -29.61 25.96
C SER A 366 36.81 -29.42 27.20
N ASP A 367 36.81 -28.20 27.74
CA ASP A 367 37.47 -27.92 28.98
C ASP A 367 36.86 -28.64 30.24
N GLY A 368 35.69 -29.28 30.13
CA GLY A 368 35.03 -29.90 31.27
C GLY A 368 33.96 -29.03 31.92
N VAL A 369 34.00 -27.74 31.62
CA VAL A 369 33.03 -26.77 32.12
C VAL A 369 31.63 -27.00 31.52
N VAL A 370 30.66 -27.13 32.44
CA VAL A 370 29.25 -27.14 32.16
C VAL A 370 28.73 -25.72 32.36
N HIS A 371 28.42 -25.10 31.24
CA HIS A 371 27.79 -23.82 31.20
C HIS A 371 26.33 -24.11 31.44
N GLU A 372 25.82 -23.66 32.58
CA GLU A 372 24.48 -24.00 33.01
C GLU A 372 23.47 -23.00 32.40
N LEU A 373 22.40 -23.53 31.81
CA LEU A 373 21.49 -22.72 31.00
C LEU A 373 20.11 -23.25 31.05
N ASP A 374 19.19 -22.30 30.95
CA ASP A 374 17.78 -22.45 30.83
C ASP A 374 17.30 -22.40 29.42
N VAL A 375 17.99 -21.72 28.52
CA VAL A 375 17.51 -21.55 27.13
C VAL A 375 18.75 -21.73 26.26
N LEU A 376 18.63 -22.54 25.20
CA LEU A 376 19.73 -22.70 24.26
C LEU A 376 19.21 -22.33 22.88
N VAL A 377 19.83 -21.31 22.30
CA VAL A 377 19.39 -20.68 21.08
C VAL A 377 20.40 -21.06 20.00
N PHE A 378 19.90 -21.63 18.92
CA PHE A 378 20.68 -21.96 17.80
C PHE A 378 20.56 -20.83 16.77
N ALA A 379 21.62 -20.00 16.61
CA ALA A 379 21.65 -19.00 15.56
C ALA A 379 22.65 -19.52 14.54
N THR A 380 22.35 -20.73 14.07
CA THR A 380 23.27 -21.55 13.27
C THR A 380 22.87 -21.52 11.81
N GLY A 381 21.98 -20.55 11.49
CA GLY A 381 21.68 -20.20 10.10
C GLY A 381 20.86 -21.18 9.33
N PHE A 382 21.07 -21.22 8.01
CA PHE A 382 20.12 -21.88 7.09
C PHE A 382 20.78 -22.79 6.08
N ASP A 383 20.03 -23.80 5.66
CA ASP A 383 20.33 -24.55 4.44
C ASP A 383 19.87 -23.60 3.28
N ALA A 384 20.80 -22.73 2.96
CA ALA A 384 20.52 -21.57 2.18
C ALA A 384 20.38 -21.88 0.73
N VAL A 385 19.51 -21.07 0.18
CA VAL A 385 19.20 -21.03 -1.24
C VAL A 385 18.49 -22.25 -1.79
N ASP A 386 19.17 -23.37 -1.76
CA ASP A 386 18.57 -24.60 -2.32
C ASP A 386 17.87 -25.47 -1.22
N GLY A 387 17.90 -25.08 0.07
CA GLY A 387 17.39 -26.09 1.07
C GLY A 387 15.95 -26.58 0.92
N ASN A 388 15.01 -25.65 0.79
CA ASN A 388 13.64 -25.96 0.55
C ASN A 388 13.33 -26.67 -0.79
N TYR A 389 14.18 -26.53 -1.80
CA TYR A 389 14.06 -27.22 -3.06
C TYR A 389 14.48 -28.71 -2.90
N ARG A 390 15.59 -28.94 -2.26
CA ARG A 390 16.12 -30.25 -2.13
C ARG A 390 15.27 -31.12 -1.17
N ALA A 391 14.67 -30.47 -0.16
CA ALA A 391 13.78 -31.13 0.84
C ALA A 391 12.40 -31.46 0.24
N MET A 392 12.00 -30.75 -0.83
CA MET A 392 10.78 -31.06 -1.55
C MET A 392 10.95 -32.29 -2.45
N ASN A 393 9.90 -33.07 -2.64
CA ASN A 393 9.84 -34.09 -3.68
C ASN A 393 9.48 -33.39 -4.99
N LEU A 394 10.50 -32.77 -5.55
CA LEU A 394 10.40 -31.82 -6.69
C LEU A 394 11.11 -32.53 -7.84
N ARG A 395 10.33 -32.87 -8.85
CA ARG A 395 10.78 -33.68 -9.98
C ARG A 395 10.33 -33.00 -11.21
N GLY A 396 11.24 -33.02 -12.16
CA GLY A 396 11.00 -32.41 -13.46
C GLY A 396 10.48 -33.36 -14.54
N ARG A 397 10.46 -32.83 -15.76
CA ARG A 397 10.04 -33.59 -17.01
C ARG A 397 10.55 -35.02 -17.06
N ASP A 398 11.82 -35.23 -16.72
CA ASP A 398 12.38 -36.57 -16.90
C ASP A 398 12.18 -37.51 -15.70
N GLY A 399 11.35 -37.06 -14.75
CA GLY A 399 11.05 -37.78 -13.52
C GLY A 399 12.14 -37.71 -12.46
N ARG A 400 13.23 -36.96 -12.69
CA ARG A 400 14.30 -37.01 -11.73
C ARG A 400 14.08 -35.92 -10.73
N HIS A 401 14.30 -36.26 -9.48
CA HIS A 401 14.37 -35.33 -8.37
C HIS A 401 15.40 -34.19 -8.73
N ILE A 402 15.05 -32.96 -8.28
CA ILE A 402 15.91 -31.81 -8.50
C ILE A 402 17.31 -32.10 -7.98
N ASN A 403 17.49 -32.96 -6.96
CA ASN A 403 18.86 -33.30 -6.47
C ASN A 403 19.75 -33.86 -7.58
N GLU A 404 19.15 -34.60 -8.53
CA GLU A 404 19.95 -35.27 -9.62
C GLU A 404 20.44 -34.26 -10.66
N HIS A 405 19.78 -33.11 -10.69
CA HIS A 405 20.21 -31.97 -11.59
C HIS A 405 21.26 -31.07 -10.93
N TRP A 406 21.45 -31.19 -9.64
CA TRP A 406 22.26 -30.32 -8.84
C TRP A 406 23.46 -31.02 -8.12
N THR A 407 24.07 -32.01 -8.77
CA THR A 407 25.13 -32.78 -8.13
C THR A 407 26.41 -32.01 -7.94
N GLU A 408 26.57 -30.91 -8.66
CA GLU A 408 27.73 -30.04 -8.46
C GLU A 408 27.41 -28.74 -7.80
N GLY A 409 26.19 -28.58 -7.29
CA GLY A 409 25.73 -27.28 -6.82
C GLY A 409 24.42 -26.93 -7.49
N PRO A 410 23.67 -26.04 -6.89
CA PRO A 410 22.37 -25.68 -7.44
C PRO A 410 22.50 -24.78 -8.62
N THR A 411 21.62 -24.94 -9.58
CA THR A 411 21.70 -24.30 -10.83
C THR A 411 20.38 -23.77 -11.27
N SER A 412 20.44 -22.77 -12.17
CA SER A 412 19.28 -22.22 -12.82
C SER A 412 19.65 -21.52 -14.13
N TYR A 413 18.57 -21.08 -14.79
CA TYR A 413 18.75 -20.08 -15.79
C TYR A 413 18.21 -18.80 -15.27
N LEU A 414 19.11 -17.78 -15.15
CA LEU A 414 18.79 -16.42 -14.67
C LEU A 414 18.31 -16.30 -13.23
N GLY A 415 18.46 -17.39 -12.48
CA GLY A 415 18.01 -17.38 -11.09
C GLY A 415 16.54 -17.61 -10.95
N VAL A 416 15.84 -17.77 -12.09
CA VAL A 416 14.37 -17.83 -12.03
C VAL A 416 13.74 -19.00 -12.84
N THR A 417 14.56 -19.82 -13.54
CA THR A 417 14.05 -20.94 -14.29
C THR A 417 15.12 -22.03 -14.21
N LYS A 418 14.69 -23.24 -14.60
CA LYS A 418 15.46 -24.42 -14.47
C LYS A 418 15.24 -25.36 -15.68
N ALA A 419 16.34 -25.73 -16.32
CA ALA A 419 16.33 -26.62 -17.43
C ALA A 419 15.72 -27.94 -17.00
N GLY A 420 14.83 -28.50 -17.78
CA GLY A 420 14.20 -29.77 -17.32
C GLY A 420 12.92 -29.60 -16.47
N PHE A 421 12.51 -28.34 -16.27
CA PHE A 421 11.41 -27.99 -15.33
C PHE A 421 10.53 -27.03 -16.01
N PRO A 422 9.84 -27.51 -17.02
CA PRO A 422 8.99 -26.62 -17.77
C PRO A 422 8.00 -25.89 -16.91
N ASN A 423 7.66 -24.65 -17.25
CA ASN A 423 6.63 -23.87 -16.58
C ASN A 423 6.81 -23.72 -15.08
N MET A 424 8.01 -23.96 -14.56
CA MET A 424 8.35 -23.59 -13.21
C MET A 424 9.22 -22.34 -13.17
N PHE A 425 8.94 -21.45 -12.23
CA PHE A 425 9.71 -20.15 -12.04
C PHE A 425 10.04 -20.05 -10.62
N MET A 426 11.24 -19.65 -10.29
CA MET A 426 11.69 -19.51 -8.92
C MET A 426 11.83 -18.07 -8.58
N ILE A 427 11.48 -17.64 -7.36
CA ILE A 427 11.75 -16.31 -6.92
C ILE A 427 12.85 -16.53 -5.92
N LEU A 428 14.02 -15.94 -6.23
CA LEU A 428 15.26 -16.09 -5.48
C LEU A 428 15.72 -17.54 -5.45
N GLY A 429 15.66 -18.13 -6.64
CA GLY A 429 16.33 -19.41 -6.91
C GLY A 429 17.84 -19.30 -6.84
N PRO A 430 18.54 -20.42 -7.03
CA PRO A 430 19.96 -20.37 -7.10
C PRO A 430 20.50 -19.55 -8.30
N ASN A 431 21.67 -18.95 -8.08
CA ASN A 431 22.34 -18.07 -9.15
C ASN A 431 21.51 -16.90 -9.60
N GLY A 432 20.92 -16.22 -8.60
CA GLY A 432 20.33 -14.88 -8.80
C GLY A 432 21.07 -13.80 -8.00
N PRO A 433 20.55 -12.60 -7.90
CA PRO A 433 21.34 -11.48 -7.38
C PRO A 433 21.52 -11.59 -5.84
N PHE A 434 22.61 -11.01 -5.37
CA PHE A 434 22.94 -10.89 -3.96
C PHE A 434 22.89 -9.39 -3.64
N THR A 435 21.69 -8.94 -3.26
CA THR A 435 21.34 -7.57 -3.09
C THR A 435 20.29 -7.40 -2.00
N ASN A 436 20.01 -6.14 -1.64
CA ASN A 436 18.74 -5.78 -1.03
C ASN A 436 17.65 -6.55 -1.84
N LEU A 437 16.91 -7.47 -1.20
CA LEU A 437 16.13 -8.45 -1.89
C LEU A 437 14.80 -8.01 -2.42
N PRO A 438 14.05 -7.16 -1.70
CA PRO A 438 12.78 -6.73 -2.32
C PRO A 438 12.86 -6.23 -3.80
N PRO A 439 13.80 -5.38 -4.18
CA PRO A 439 13.84 -4.95 -5.56
C PRO A 439 14.36 -6.06 -6.43
N SER A 440 15.22 -6.97 -5.96
CA SER A 440 15.54 -8.11 -6.82
C SER A 440 14.27 -8.99 -7.02
N ILE A 441 13.54 -9.20 -5.93
CA ILE A 441 12.29 -9.91 -6.00
C ILE A 441 11.36 -9.23 -7.02
N GLU A 442 11.23 -7.92 -6.94
CA GLU A 442 10.27 -7.27 -7.90
C GLU A 442 10.69 -7.46 -9.36
N ALA A 443 11.99 -7.41 -9.59
CA ALA A 443 12.53 -7.70 -10.92
C ALA A 443 12.20 -9.10 -11.43
N GLN A 444 12.43 -10.05 -10.54
CA GLN A 444 12.07 -11.45 -10.86
C GLN A 444 10.60 -11.62 -11.10
N VAL A 445 9.80 -11.09 -10.19
CA VAL A 445 8.35 -11.31 -10.25
C VAL A 445 7.76 -10.68 -11.54
N GLU A 446 8.19 -9.47 -11.80
CA GLU A 446 7.74 -8.76 -13.00
C GLU A 446 8.14 -9.50 -14.24
N TRP A 447 9.35 -10.05 -14.25
CA TRP A 447 9.84 -10.77 -15.42
C TRP A 447 9.07 -12.11 -15.67
N ILE A 448 8.89 -12.89 -14.60
CA ILE A 448 8.08 -14.07 -14.60
C ILE A 448 6.66 -13.81 -15.10
N SER A 449 6.02 -12.80 -14.53
CA SER A 449 4.75 -12.35 -14.96
C SER A 449 4.65 -12.13 -16.41
N ASP A 450 5.58 -11.34 -16.97
CA ASP A 450 5.52 -11.04 -18.40
C ASP A 450 5.60 -12.30 -19.22
N LEU A 451 6.46 -13.24 -18.82
CA LEU A 451 6.62 -14.45 -19.56
C LEU A 451 5.36 -15.36 -19.43
N ILE A 452 4.87 -15.48 -18.21
CA ILE A 452 3.67 -16.25 -18.02
C ILE A 452 2.57 -15.59 -18.84
N ASP A 453 2.47 -14.28 -18.79
CA ASP A 453 1.45 -13.59 -19.57
C ASP A 453 1.58 -13.84 -21.11
N LYS A 454 2.82 -13.80 -21.59
CA LYS A 454 3.11 -14.13 -23.00
C LYS A 454 2.67 -15.59 -23.35
N ALA A 455 3.07 -16.56 -22.54
CA ALA A 455 2.65 -17.95 -22.79
C ALA A 455 1.09 -18.04 -22.88
N THR A 456 0.43 -17.28 -21.98
CA THR A 456 -1.02 -17.18 -21.92
C THR A 456 -1.63 -16.57 -23.16
N ARG A 457 -1.26 -15.39 -23.51
CA ARG A 457 -1.83 -14.71 -24.70
C ARG A 457 -1.55 -15.43 -26.03
N GLU A 458 -0.39 -16.08 -26.13
CA GLU A 458 0.06 -16.73 -27.37
C GLU A 458 -0.27 -18.23 -27.38
N GLY A 459 -0.85 -18.73 -26.30
CA GLY A 459 -1.28 -20.09 -26.30
C GLY A 459 -0.16 -21.06 -26.30
N LEU A 460 0.92 -20.75 -25.64
CA LEU A 460 2.00 -21.72 -25.42
C LEU A 460 1.58 -22.75 -24.35
N THR A 461 2.03 -23.99 -24.48
CA THR A 461 1.82 -25.04 -23.48
C THR A 461 2.92 -25.15 -22.46
N THR A 462 4.18 -25.19 -22.93
CA THR A 462 5.34 -25.08 -22.04
C THR A 462 6.38 -24.00 -22.48
N VAL A 463 7.12 -23.55 -21.47
CA VAL A 463 8.21 -22.61 -21.59
C VAL A 463 9.29 -23.30 -20.76
N GLU A 464 10.51 -23.51 -21.31
CA GLU A 464 11.57 -24.09 -20.56
C GLU A 464 12.92 -23.62 -21.02
N PRO A 465 13.82 -23.23 -20.10
CA PRO A 465 15.18 -22.85 -20.54
C PRO A 465 15.95 -24.11 -21.00
N THR A 466 16.83 -23.99 -22.01
CA THR A 466 17.58 -25.16 -22.48
C THR A 466 18.68 -25.46 -21.53
N ALA A 467 19.17 -26.68 -21.63
CA ALA A 467 20.29 -27.13 -20.86
C ALA A 467 21.55 -26.29 -21.09
N ASP A 468 21.79 -25.96 -22.36
CA ASP A 468 22.84 -25.03 -22.75
C ASP A 468 22.65 -23.65 -22.09
N ALA A 469 21.45 -23.10 -22.07
CA ALA A 469 21.28 -21.76 -21.49
C ALA A 469 21.65 -21.76 -20.01
N GLU A 470 21.20 -22.79 -19.29
CA GLU A 470 21.53 -22.91 -17.93
C GLU A 470 23.00 -23.07 -17.67
N ARG A 471 23.66 -23.93 -18.41
CA ARG A 471 25.10 -24.12 -18.25
C ARG A 471 25.88 -22.83 -18.62
N GLU A 472 25.35 -22.09 -19.58
CA GLU A 472 25.96 -20.72 -19.83
C GLU A 472 25.86 -19.79 -18.62
N TRP A 473 24.72 -19.86 -17.91
CA TRP A 473 24.48 -19.00 -16.78
C TRP A 473 25.36 -19.44 -15.59
N THR A 474 25.55 -20.74 -15.42
CA THR A 474 26.50 -21.26 -14.42
C THR A 474 27.90 -20.66 -14.66
N GLU A 475 28.35 -20.71 -15.91
CA GLU A 475 29.65 -20.08 -16.39
C GLU A 475 29.74 -18.66 -16.02
N THR A 476 28.72 -17.92 -16.44
CA THR A 476 28.67 -16.52 -16.07
C THR A 476 28.85 -16.27 -14.60
N CYS A 477 28.02 -16.94 -13.76
CA CYS A 477 28.04 -16.72 -12.32
C CYS A 477 29.39 -17.08 -11.76
N ALA A 478 29.98 -18.16 -12.26
CA ALA A 478 31.31 -18.55 -11.77
C ALA A 478 32.39 -17.58 -12.13
N GLU A 479 32.29 -17.11 -13.35
CA GLU A 479 33.32 -16.22 -13.79
C GLU A 479 33.19 -14.90 -12.98
N ILE A 480 32.01 -14.39 -12.77
CA ILE A 480 31.87 -13.14 -12.01
C ILE A 480 32.37 -13.33 -10.59
N ALA A 481 32.14 -14.52 -9.99
CA ALA A 481 32.47 -14.70 -8.59
C ALA A 481 33.96 -14.82 -8.45
N ASN A 482 34.60 -15.46 -9.45
CA ASN A 482 36.09 -15.56 -9.42
C ASN A 482 36.82 -14.22 -9.66
N MET A 483 36.13 -13.16 -9.98
CA MET A 483 36.71 -11.84 -10.00
C MET A 483 36.63 -11.17 -8.61
N THR A 484 35.99 -11.86 -7.65
CA THR A 484 35.89 -11.37 -6.31
C THR A 484 36.61 -12.23 -5.28
N LEU A 485 36.78 -11.61 -4.12
CA LEU A 485 37.24 -12.32 -2.93
C LEU A 485 36.12 -13.16 -2.23
N PHE A 486 34.85 -13.08 -2.67
CA PHE A 486 33.72 -13.63 -1.89
C PHE A 486 33.85 -15.13 -1.77
N PRO A 487 34.39 -15.80 -2.81
CA PRO A 487 34.57 -17.26 -2.71
C PRO A 487 35.66 -17.72 -1.75
N LYS A 488 36.47 -16.80 -1.25
CA LYS A 488 37.52 -17.15 -0.31
C LYS A 488 37.07 -16.97 1.15
N ALA A 489 35.80 -16.59 1.34
CA ALA A 489 35.16 -16.49 2.65
C ALA A 489 34.29 -17.74 2.87
N ASP A 490 34.48 -18.45 3.99
CA ASP A 490 33.63 -19.65 4.29
C ASP A 490 32.31 -19.32 4.97
N SER A 491 31.23 -19.38 4.20
N SER A 491 31.24 -19.40 4.20
CA SER A 491 29.94 -19.13 4.75
CA SER A 491 29.94 -19.14 4.75
C SER A 491 28.90 -19.86 3.93
C SER A 491 28.89 -19.88 3.94
N TRP A 492 27.64 -19.71 4.38
CA TRP A 492 26.49 -20.22 3.66
C TRP A 492 26.33 -19.77 2.28
N ILE A 493 26.81 -18.58 1.97
CA ILE A 493 26.70 -17.98 0.64
C ILE A 493 27.16 -18.94 -0.49
N PHE A 494 28.26 -19.66 -0.25
CA PHE A 494 28.81 -20.70 -1.18
C PHE A 494 28.59 -22.14 -0.73
N GLY A 495 27.55 -22.31 0.09
CA GLY A 495 27.32 -23.63 0.68
C GLY A 495 28.43 -24.14 1.66
N ALA A 496 28.39 -25.45 1.85
CA ALA A 496 29.31 -26.17 2.78
C ALA A 496 29.18 -25.76 4.28
N ASN A 497 28.19 -24.97 4.68
CA ASN A 497 28.00 -24.59 6.13
C ASN A 497 27.27 -25.70 6.89
N ILE A 498 26.70 -26.62 6.13
CA ILE A 498 26.16 -27.87 6.59
C ILE A 498 27.16 -28.96 6.15
N PRO A 499 27.75 -29.73 7.10
CA PRO A 499 28.72 -30.78 6.58
C PRO A 499 27.95 -31.72 5.65
N GLY A 500 28.58 -32.04 4.52
CA GLY A 500 27.95 -32.69 3.40
C GLY A 500 27.27 -31.85 2.34
N LYS A 501 27.07 -30.57 2.60
CA LYS A 501 26.51 -29.75 1.59
C LYS A 501 27.63 -29.34 0.66
N ARG A 502 27.37 -29.40 -0.65
CA ARG A 502 28.37 -28.93 -1.62
C ARG A 502 28.83 -27.43 -1.44
N HIS A 503 30.15 -27.27 -1.60
CA HIS A 503 30.75 -25.98 -1.80
C HIS A 503 30.55 -25.56 -3.25
N ALA A 504 29.83 -24.46 -3.49
CA ALA A 504 29.49 -24.03 -4.87
C ALA A 504 28.99 -22.57 -4.95
N VAL A 505 29.19 -21.93 -6.11
CA VAL A 505 28.63 -20.61 -6.41
C VAL A 505 27.17 -20.80 -6.47
N MET A 506 26.47 -19.92 -5.77
CA MET A 506 24.99 -20.03 -5.73
C MET A 506 24.31 -18.71 -5.96
N PHE A 507 25.07 -17.67 -6.30
CA PHE A 507 24.55 -16.34 -6.63
C PHE A 507 25.24 -15.74 -7.85
N TYR A 508 24.47 -14.94 -8.57
CA TYR A 508 24.96 -13.97 -9.52
C TYR A 508 25.42 -12.76 -8.74
N LEU A 509 26.73 -12.48 -8.76
CA LEU A 509 27.30 -11.42 -8.00
C LEU A 509 27.58 -10.18 -8.90
N GLY A 510 26.96 -10.02 -10.07
CA GLY A 510 27.10 -8.78 -10.89
C GLY A 510 26.24 -7.59 -10.47
N GLY A 511 25.33 -7.79 -9.53
CA GLY A 511 24.59 -6.71 -9.01
C GLY A 511 23.29 -6.46 -9.67
N LEU A 512 22.50 -5.62 -9.07
CA LEU A 512 21.12 -5.44 -9.48
C LEU A 512 21.00 -4.79 -10.85
N GLY A 513 21.76 -3.72 -11.10
CA GLY A 513 21.66 -3.07 -12.40
C GLY A 513 22.01 -4.07 -13.49
N ASN A 514 23.11 -4.75 -13.32
CA ASN A 514 23.47 -5.66 -14.39
C ASN A 514 22.51 -6.86 -14.52
N TYR A 515 21.97 -7.33 -13.36
CA TYR A 515 21.10 -8.44 -13.39
C TYR A 515 19.78 -8.01 -14.10
N ARG A 516 19.22 -6.84 -13.79
N ARG A 516 19.23 -6.84 -13.80
CA ARG A 516 18.03 -6.32 -14.54
CA ARG A 516 18.03 -6.36 -14.55
C ARG A 516 18.27 -6.25 -16.06
C ARG A 516 18.25 -6.23 -16.07
N ARG A 517 19.41 -5.72 -16.46
CA ARG A 517 19.77 -5.67 -17.86
C ARG A 517 19.77 -7.09 -18.50
N GLN A 518 20.37 -8.06 -17.83
CA GLN A 518 20.36 -9.44 -18.36
C GLN A 518 18.96 -9.94 -18.59
N LEU A 519 18.11 -9.73 -17.58
CA LEU A 519 16.66 -10.11 -17.70
C LEU A 519 15.94 -9.44 -18.88
N ALA A 520 16.12 -8.10 -18.99
CA ALA A 520 15.46 -7.33 -20.01
C ALA A 520 15.98 -7.72 -21.45
N ASP A 521 17.27 -8.00 -21.60
CA ASP A 521 17.85 -8.52 -22.81
C ASP A 521 17.26 -9.84 -23.23
N VAL A 522 17.06 -10.74 -22.25
CA VAL A 522 16.54 -12.04 -22.63
C VAL A 522 15.12 -11.87 -23.09
N ALA A 523 14.37 -11.04 -22.36
CA ALA A 523 12.93 -10.80 -22.77
C ALA A 523 12.84 -10.14 -24.13
N ASP A 524 13.57 -9.06 -24.23
CA ASP A 524 13.44 -8.21 -25.38
CA ASP A 524 13.52 -8.14 -25.40
C ASP A 524 13.97 -8.93 -26.66
N GLY A 525 14.92 -9.84 -26.52
CA GLY A 525 15.36 -10.67 -27.67
C GLY A 525 14.47 -11.85 -27.99
N GLY A 526 13.37 -12.05 -27.25
CA GLY A 526 12.42 -13.17 -27.52
C GLY A 526 12.75 -14.49 -26.82
N TYR A 527 13.42 -14.39 -25.69
CA TYR A 527 13.64 -15.54 -24.84
C TYR A 527 14.44 -16.55 -25.59
N ARG A 528 15.55 -16.08 -26.12
CA ARG A 528 16.52 -17.02 -26.62
C ARG A 528 16.98 -17.61 -25.27
N GLY A 529 17.20 -18.90 -25.38
CA GLY A 529 17.62 -19.70 -24.25
C GLY A 529 16.44 -20.52 -23.81
N PHE A 530 15.23 -20.12 -24.25
CA PHE A 530 14.01 -20.88 -23.96
C PHE A 530 13.47 -21.68 -25.15
N GLN A 531 12.90 -22.86 -24.90
CA GLN A 531 12.06 -23.58 -25.82
C GLN A 531 10.68 -23.17 -25.48
N LEU A 532 10.00 -22.63 -26.48
CA LEU A 532 8.64 -22.16 -26.31
C LEU A 532 7.78 -23.08 -27.16
N ARG A 533 7.18 -24.05 -26.54
CA ARG A 533 6.36 -25.03 -27.28
C ARG A 533 4.88 -24.63 -27.31
N GLY A 534 4.24 -24.81 -28.45
CA GLY A 534 2.87 -24.36 -28.65
C GLY A 534 1.91 -25.50 -28.46
N THR B 6 -45.41 -0.06 -24.11
CA THR B 6 -45.62 1.28 -23.54
C THR B 6 -45.18 1.23 -22.05
N PRO B 7 -44.30 2.12 -21.63
CA PRO B 7 -43.72 2.02 -20.30
C PRO B 7 -44.63 2.53 -19.17
N ASP B 8 -44.38 2.11 -17.94
CA ASP B 8 -45.22 2.64 -16.85
C ASP B 8 -44.99 4.14 -16.66
N LEU B 9 -43.73 4.52 -16.77
CA LEU B 9 -43.34 5.95 -16.56
C LEU B 9 -42.48 6.34 -17.73
N ASP B 10 -42.42 7.62 -18.06
CA ASP B 10 -41.45 8.04 -19.09
C ASP B 10 -40.07 7.88 -18.52
N ALA B 11 -39.90 8.25 -17.23
CA ALA B 11 -38.57 8.18 -16.63
C ALA B 11 -38.59 7.75 -15.23
N ILE B 12 -37.63 6.95 -14.86
CA ILE B 12 -37.28 6.69 -13.43
C ILE B 12 -35.96 7.23 -13.02
N VAL B 13 -35.94 7.91 -11.89
CA VAL B 13 -34.72 8.52 -11.37
C VAL B 13 -34.43 7.86 -10.03
N ILE B 14 -33.19 7.48 -9.81
CA ILE B 14 -32.77 6.85 -8.58
C ILE B 14 -31.87 7.80 -7.80
N GLY B 15 -32.30 8.15 -6.61
CA GLY B 15 -31.59 9.02 -5.70
C GLY B 15 -32.31 10.33 -5.54
N ALA B 16 -32.37 10.83 -4.31
CA ALA B 16 -33.09 12.10 -3.97
C ALA B 16 -32.14 13.04 -3.19
N GLY B 17 -30.87 12.97 -3.58
CA GLY B 17 -29.80 14.01 -3.27
C GLY B 17 -29.92 15.23 -4.20
N PHE B 18 -28.95 16.15 -4.11
CA PHE B 18 -28.96 17.24 -5.09
C PHE B 18 -29.27 16.80 -6.52
N GLY B 19 -28.68 15.71 -6.91
CA GLY B 19 -28.86 15.17 -8.25
C GLY B 19 -30.24 14.81 -8.70
N GLY B 20 -30.82 13.85 -7.96
CA GLY B 20 -32.16 13.39 -8.34
C GLY B 20 -33.21 14.45 -8.20
N ILE B 21 -33.05 15.31 -7.19
CA ILE B 21 -34.03 16.37 -6.96
C ILE B 21 -34.14 17.23 -8.20
N TYR B 22 -32.98 17.67 -8.71
CA TYR B 22 -32.98 18.56 -9.86
C TYR B 22 -33.41 17.78 -11.11
N MET B 23 -33.02 16.55 -11.22
CA MET B 23 -33.40 15.75 -12.40
C MET B 23 -34.89 15.57 -12.51
N LEU B 24 -35.53 15.32 -11.39
CA LEU B 24 -36.98 15.19 -11.38
C LEU B 24 -37.63 16.53 -11.68
N HIS B 25 -37.16 17.59 -11.07
CA HIS B 25 -37.67 18.92 -11.46
C HIS B 25 -37.64 19.22 -12.99
N LYS B 26 -36.51 18.97 -13.61
CA LYS B 26 -36.41 19.16 -15.07
C LYS B 26 -37.32 18.29 -15.86
N LEU B 27 -37.25 17.00 -15.60
CA LEU B 27 -38.06 16.03 -16.35
C LEU B 27 -39.52 16.21 -16.17
N ARG B 28 -39.95 16.46 -14.95
CA ARG B 28 -41.36 16.57 -14.78
C ARG B 28 -41.85 18.00 -14.97
N ASN B 29 -41.21 18.92 -14.24
CA ASN B 29 -41.74 20.29 -14.21
C ASN B 29 -41.49 21.03 -15.54
N ASP B 30 -40.35 20.78 -16.20
CA ASP B 30 -40.04 21.46 -17.44
C ASP B 30 -40.36 20.69 -18.65
N LEU B 31 -40.05 19.38 -18.77
CA LEU B 31 -40.40 18.64 -19.95
C LEU B 31 -41.81 18.11 -19.94
N GLY B 32 -42.47 17.98 -18.78
CA GLY B 32 -43.81 17.37 -18.68
C GLY B 32 -43.88 15.86 -18.84
N LEU B 33 -42.79 15.19 -18.56
CA LEU B 33 -42.71 13.75 -18.54
C LEU B 33 -43.29 13.12 -17.23
N SER B 34 -43.86 11.92 -17.35
CA SER B 34 -44.21 11.13 -16.17
C SER B 34 -42.96 10.50 -15.57
N VAL B 35 -42.74 10.84 -14.33
CA VAL B 35 -41.48 10.50 -13.62
C VAL B 35 -41.68 10.01 -12.18
N ARG B 36 -40.82 9.09 -11.73
CA ARG B 36 -40.74 8.78 -10.34
C ARG B 36 -39.32 8.66 -9.89
N VAL B 37 -39.04 9.28 -8.75
CA VAL B 37 -37.86 9.07 -8.01
C VAL B 37 -38.04 7.98 -6.96
N PHE B 38 -37.04 7.09 -6.83
CA PHE B 38 -36.92 6.09 -5.80
C PHE B 38 -35.68 6.39 -5.05
N GLU B 39 -35.83 6.55 -3.75
CA GLU B 39 -34.76 6.87 -2.86
C GLU B 39 -34.81 5.91 -1.68
N LYS B 40 -33.70 5.30 -1.31
CA LYS B 40 -33.65 4.29 -0.28
C LYS B 40 -33.78 4.87 1.11
N GLY B 41 -33.38 6.09 1.32
CA GLY B 41 -33.45 6.72 2.64
C GLY B 41 -34.85 7.10 2.94
N GLY B 42 -35.11 7.30 4.21
CA GLY B 42 -36.38 7.72 4.70
C GLY B 42 -36.71 9.17 4.53
N GLY B 43 -35.77 9.93 3.96
CA GLY B 43 -36.02 11.33 3.73
C GLY B 43 -35.14 11.75 2.54
N VAL B 44 -35.55 12.85 1.89
CA VAL B 44 -34.75 13.42 0.77
C VAL B 44 -33.50 14.05 1.35
N GLY B 45 -32.53 14.27 0.48
CA GLY B 45 -31.34 15.04 0.83
C GLY B 45 -30.03 14.37 0.50
N GLY B 46 -30.09 13.05 0.24
CA GLY B 46 -28.91 12.31 -0.06
C GLY B 46 -27.88 12.41 1.05
N THR B 47 -26.69 12.83 0.70
CA THR B 47 -25.59 13.06 1.66
C THR B 47 -26.00 13.77 3.00
N TRP B 48 -26.85 14.76 2.85
CA TRP B 48 -27.21 15.66 3.90
C TRP B 48 -28.40 15.17 4.74
N TYR B 49 -29.08 14.13 4.24
CA TYR B 49 -29.95 13.30 5.04
C TYR B 49 -29.18 12.27 5.89
N TRP B 50 -28.29 11.50 5.24
CA TRP B 50 -27.53 10.44 5.87
C TRP B 50 -26.49 10.85 6.96
N ASN B 51 -25.73 11.92 6.74
CA ASN B 51 -24.56 12.31 7.50
C ASN B 51 -24.98 13.25 8.65
N LYS B 52 -25.68 12.66 9.64
CA LYS B 52 -26.22 13.43 10.70
C LYS B 52 -25.21 13.65 11.86
N TYR B 53 -23.97 13.19 11.72
CA TYR B 53 -22.95 13.26 12.74
C TYR B 53 -22.62 14.71 13.19
N PRO B 54 -22.25 14.90 14.44
CA PRO B 54 -21.88 16.26 14.88
C PRO B 54 -20.56 16.63 14.18
N GLY B 55 -20.45 17.91 13.76
CA GLY B 55 -19.31 18.34 12.92
C GLY B 55 -19.58 18.29 11.43
N ALA B 56 -20.62 17.59 10.98
CA ALA B 56 -20.90 17.36 9.56
C ALA B 56 -21.25 18.66 8.88
N LYS B 57 -20.43 18.99 7.88
CA LYS B 57 -20.65 20.26 7.08
C LYS B 57 -19.94 20.13 5.76
N SER B 58 -20.32 21.00 4.83
CA SER B 58 -19.66 21.13 3.50
C SER B 58 -18.56 22.15 3.65
N ASP B 59 -17.44 21.86 2.97
CA ASP B 59 -16.29 22.76 2.79
C ASP B 59 -16.45 23.74 1.65
N THR B 60 -17.33 23.51 0.69
CA THR B 60 -17.73 24.55 -0.25
C THR B 60 -18.31 25.66 0.54
N GLU B 61 -17.86 26.87 0.26
CA GLU B 61 -18.32 27.97 1.09
C GLU B 61 -19.75 28.15 0.74
N GLY B 62 -20.49 28.45 1.78
CA GLY B 62 -21.96 28.44 1.79
C GLY B 62 -22.59 29.17 0.64
N PHE B 63 -22.05 30.31 0.26
CA PHE B 63 -22.67 31.06 -0.84
C PHE B 63 -22.78 30.31 -2.16
N VAL B 64 -21.87 29.34 -2.40
CA VAL B 64 -21.94 28.50 -3.64
C VAL B 64 -22.17 26.99 -3.40
N TYR B 65 -22.54 26.60 -2.17
CA TYR B 65 -22.98 25.25 -1.99
C TYR B 65 -24.48 25.24 -2.11
N ARG B 66 -24.95 25.40 -3.34
CA ARG B 66 -26.38 25.52 -3.59
C ARG B 66 -26.64 25.42 -5.07
N TYR B 67 -27.89 25.25 -5.41
CA TYR B 67 -28.29 25.38 -6.76
C TYR B 67 -28.14 26.87 -7.23
N SER B 68 -27.93 27.00 -8.53
CA SER B 68 -27.94 28.30 -9.16
C SER B 68 -29.05 28.44 -10.19
N PHE B 69 -29.79 27.43 -10.54
CA PHE B 69 -30.61 27.59 -11.72
C PHE B 69 -31.80 28.50 -11.44
N ASP B 70 -32.10 28.80 -10.19
CA ASP B 70 -33.30 29.60 -9.86
C ASP B 70 -32.88 30.85 -9.13
N LYS B 71 -33.00 31.96 -9.82
CA LYS B 71 -32.51 33.23 -9.27
C LYS B 71 -33.28 33.77 -8.05
N GLU B 72 -34.58 33.49 -7.98
CA GLU B 72 -35.35 33.85 -6.73
C GLU B 72 -34.84 33.14 -5.51
N LEU B 73 -34.78 31.82 -5.70
CA LEU B 73 -34.23 31.00 -4.66
C LEU B 73 -32.92 31.58 -4.14
N LEU B 74 -32.08 32.00 -5.11
CA LEU B 74 -30.73 32.58 -4.79
C LEU B 74 -30.83 33.87 -4.00
N ARG B 75 -31.76 34.74 -4.36
CA ARG B 75 -32.07 35.93 -3.57
C ARG B 75 -32.76 35.73 -2.24
N GLU B 76 -33.60 34.70 -2.11
CA GLU B 76 -34.37 34.50 -0.84
C GLU B 76 -33.60 33.80 0.25
N TYR B 77 -33.03 32.67 -0.12
CA TYR B 77 -32.63 31.68 0.81
C TYR B 77 -31.42 32.25 1.54
N ASP B 78 -31.50 32.36 2.85
N ASP B 78 -31.48 32.33 2.85
CA ASP B 78 -30.40 32.88 3.65
CA ASP B 78 -30.40 32.87 3.64
C ASP B 78 -29.52 31.80 4.16
C ASP B 78 -29.52 31.80 4.18
N TRP B 79 -28.28 32.17 4.48
CA TRP B 79 -27.41 31.32 5.25
C TRP B 79 -26.77 32.28 6.23
N THR B 80 -26.33 31.70 7.34
CA THR B 80 -25.84 32.54 8.44
C THR B 80 -24.47 32.25 8.94
N THR B 81 -23.87 31.16 8.49
CA THR B 81 -22.52 30.81 8.80
C THR B 81 -21.82 30.69 7.46
N ARG B 82 -20.54 30.95 7.51
CA ARG B 82 -19.73 30.92 6.29
C ARG B 82 -19.88 29.60 5.57
N TYR B 83 -19.88 28.50 6.33
CA TYR B 83 -20.00 27.17 5.76
C TYR B 83 -21.32 26.64 6.31
N LEU B 84 -21.96 25.75 5.54
CA LEU B 84 -23.25 25.20 5.92
C LEU B 84 -23.10 23.86 6.64
N ASP B 85 -23.73 23.81 7.83
CA ASP B 85 -23.87 22.55 8.59
C ASP B 85 -24.89 21.64 7.94
N GLN B 86 -24.74 20.33 8.19
CA GLN B 86 -25.59 19.35 7.51
C GLN B 86 -27.06 19.71 7.71
N PRO B 87 -27.44 20.04 8.95
CA PRO B 87 -28.81 20.42 9.13
C PRO B 87 -29.27 21.55 8.21
N ASP B 88 -28.39 22.54 7.97
CA ASP B 88 -28.77 23.64 7.05
C ASP B 88 -28.94 23.22 5.59
N VAL B 89 -28.07 22.31 5.14
CA VAL B 89 -28.10 21.83 3.70
C VAL B 89 -29.34 20.99 3.50
N LEU B 90 -29.57 20.12 4.48
CA LEU B 90 -30.81 19.32 4.49
C LEU B 90 -32.04 20.14 4.42
N ALA B 91 -32.11 21.20 5.24
CA ALA B 91 -33.25 22.06 5.23
C ALA B 91 -33.41 22.74 3.89
N TYR B 92 -32.29 23.14 3.29
CA TYR B 92 -32.32 23.69 2.00
C TYR B 92 -32.87 22.71 0.97
N LEU B 93 -32.42 21.48 0.98
CA LEU B 93 -32.93 20.58 -0.09
C LEU B 93 -34.45 20.30 0.14
N GLU B 94 -34.87 20.31 1.40
CA GLU B 94 -36.22 20.07 1.77
C GLU B 94 -37.04 21.22 1.25
N HIS B 95 -36.46 22.40 1.40
CA HIS B 95 -37.11 23.59 0.89
C HIS B 95 -37.31 23.59 -0.63
N VAL B 96 -36.30 23.11 -1.34
CA VAL B 96 -36.38 22.93 -2.78
C VAL B 96 -37.51 21.96 -3.22
N VAL B 97 -37.56 20.83 -2.57
CA VAL B 97 -38.57 19.85 -2.85
C VAL B 97 -39.93 20.51 -2.72
N GLU B 98 -40.06 21.29 -1.66
CA GLU B 98 -41.30 21.99 -1.35
C GLU B 98 -41.58 22.98 -2.44
N ARG B 99 -40.59 23.77 -2.76
CA ARG B 99 -40.73 24.86 -3.77
C ARG B 99 -41.30 24.40 -5.11
N TYR B 100 -40.74 23.30 -5.62
CA TYR B 100 -41.10 22.68 -6.93
C TYR B 100 -42.12 21.53 -6.86
N ASP B 101 -42.75 21.35 -5.70
CA ASP B 101 -43.88 20.35 -5.59
C ASP B 101 -43.40 18.97 -5.98
N LEU B 102 -42.23 18.61 -5.51
CA LEU B 102 -41.58 17.32 -5.96
C LEU B 102 -41.89 16.14 -5.04
N ALA B 103 -42.35 16.39 -3.81
CA ALA B 103 -42.50 15.25 -2.78
C ALA B 103 -43.46 14.21 -3.27
N ARG B 104 -44.54 14.65 -3.90
CA ARG B 104 -45.49 13.75 -4.43
C ARG B 104 -44.97 12.76 -5.43
N ASP B 105 -43.82 12.99 -6.08
CA ASP B 105 -43.25 12.01 -7.01
C ASP B 105 -41.87 11.42 -6.55
N ILE B 106 -41.53 11.60 -5.29
CA ILE B 106 -40.41 10.91 -4.72
C ILE B 106 -40.91 9.82 -3.75
N GLN B 107 -40.54 8.59 -4.01
CA GLN B 107 -40.93 7.44 -3.16
C GLN B 107 -39.74 7.06 -2.29
N LEU B 108 -39.84 7.37 -0.99
CA LEU B 108 -38.82 7.15 -0.08
C LEU B 108 -38.79 5.67 0.38
N ASN B 109 -37.73 5.31 1.11
CA ASN B 109 -37.56 3.97 1.63
C ASN B 109 -37.36 2.83 0.65
N THR B 110 -37.21 3.23 -0.63
CA THR B 110 -37.27 2.32 -1.73
C THR B 110 -35.90 2.16 -2.39
N GLU B 111 -35.21 1.11 -2.06
CA GLU B 111 -33.99 0.79 -2.79
C GLU B 111 -34.30 0.03 -4.08
N VAL B 112 -33.77 0.53 -5.17
CA VAL B 112 -33.75 -0.21 -6.39
C VAL B 112 -32.65 -1.27 -6.34
N THR B 113 -33.08 -2.51 -6.53
CA THR B 113 -32.17 -3.58 -6.51
C THR B 113 -31.80 -4.11 -7.92
N ASP B 114 -32.69 -3.92 -8.92
CA ASP B 114 -32.43 -4.36 -10.26
C ASP B 114 -32.84 -3.31 -11.26
N ALA B 115 -32.02 -3.15 -12.28
CA ALA B 115 -32.42 -2.35 -13.38
C ALA B 115 -31.97 -3.05 -14.64
N ILE B 116 -32.89 -3.50 -15.49
CA ILE B 116 -32.55 -4.52 -16.51
C ILE B 116 -33.11 -3.99 -17.83
N PHE B 117 -32.27 -3.93 -18.82
CA PHE B 117 -32.72 -3.32 -20.08
C PHE B 117 -33.31 -4.41 -20.88
N ASP B 118 -34.51 -4.20 -21.38
CA ASP B 118 -35.22 -5.19 -22.22
C ASP B 118 -35.02 -4.84 -23.71
N GLU B 119 -34.15 -5.56 -24.44
CA GLU B 119 -33.88 -5.27 -25.88
C GLU B 119 -35.12 -5.37 -26.78
N GLU B 120 -36.13 -6.16 -26.39
CA GLU B 120 -37.34 -6.31 -27.22
C GLU B 120 -38.24 -5.05 -27.13
N THR B 121 -38.50 -4.60 -25.92
CA THR B 121 -39.42 -3.47 -25.73
C THR B 121 -38.64 -2.19 -25.72
N GLU B 122 -37.32 -2.29 -25.52
CA GLU B 122 -36.47 -1.10 -25.38
C GLU B 122 -36.90 -0.19 -24.21
N LEU B 123 -37.21 -0.87 -23.11
CA LEU B 123 -37.58 -0.29 -21.87
C LEU B 123 -36.75 -0.83 -20.76
N TRP B 124 -36.56 0.06 -19.78
CA TRP B 124 -35.82 -0.32 -18.58
C TRP B 124 -36.88 -0.93 -17.66
N ARG B 125 -36.57 -2.10 -17.06
CA ARG B 125 -37.40 -2.74 -16.00
C ARG B 125 -36.63 -2.63 -14.64
N VAL B 126 -37.22 -1.88 -13.69
CA VAL B 126 -36.61 -1.61 -12.37
C VAL B 126 -37.36 -2.44 -11.36
N THR B 127 -36.64 -3.00 -10.42
CA THR B 127 -37.21 -3.76 -9.31
C THR B 127 -36.69 -3.16 -8.03
N THR B 128 -37.60 -3.03 -7.03
CA THR B 128 -37.29 -2.55 -5.75
C THR B 128 -37.14 -3.68 -4.75
N ALA B 129 -36.42 -3.37 -3.65
CA ALA B 129 -36.33 -4.26 -2.54
C ALA B 129 -37.72 -4.65 -1.95
N GLY B 130 -38.74 -3.81 -2.07
CA GLY B 130 -40.08 -4.07 -1.58
C GLY B 130 -40.90 -4.89 -2.54
N GLY B 131 -40.22 -5.40 -3.60
CA GLY B 131 -40.78 -6.32 -4.64
C GLY B 131 -41.76 -5.72 -5.62
N GLU B 132 -41.65 -4.41 -5.91
CA GLU B 132 -42.32 -3.75 -7.04
C GLU B 132 -41.44 -3.76 -8.29
N THR B 133 -42.06 -3.93 -9.44
CA THR B 133 -41.36 -3.84 -10.73
C THR B 133 -42.14 -2.91 -11.59
N LEU B 134 -41.42 -2.10 -12.35
CA LEU B 134 -42.03 -1.16 -13.26
C LEU B 134 -41.05 -0.78 -14.31
N THR B 135 -41.61 -0.25 -15.39
CA THR B 135 -40.88 0.04 -16.60
C THR B 135 -40.83 1.54 -16.83
N ALA B 136 -39.74 1.94 -17.45
CA ALA B 136 -39.58 3.30 -17.88
C ALA B 136 -38.75 3.34 -19.18
N ARG B 137 -38.94 4.38 -19.98
CA ARG B 137 -38.12 4.52 -21.20
C ARG B 137 -36.74 5.01 -20.76
N PHE B 138 -36.71 6.03 -19.89
CA PHE B 138 -35.46 6.59 -19.39
C PHE B 138 -35.20 6.27 -17.92
N LEU B 139 -33.98 5.84 -17.62
CA LEU B 139 -33.39 5.64 -16.32
C LEU B 139 -32.26 6.66 -16.07
N VAL B 140 -32.37 7.42 -15.01
CA VAL B 140 -31.29 8.31 -14.60
C VAL B 140 -30.83 7.88 -13.22
N THR B 141 -29.62 7.43 -13.14
CA THR B 141 -29.00 7.08 -11.87
C THR B 141 -28.21 8.22 -11.24
N ALA B 142 -28.74 8.74 -10.17
CA ALA B 142 -28.14 9.75 -9.36
C ALA B 142 -27.75 9.13 -8.07
N LEU B 143 -26.83 8.14 -8.12
CA LEU B 143 -26.58 7.24 -6.95
C LEU B 143 -25.60 7.78 -5.87
N GLY B 144 -24.84 8.84 -6.20
CA GLY B 144 -23.95 9.47 -5.25
C GLY B 144 -22.53 8.94 -5.47
N LEU B 145 -21.60 9.81 -5.76
CA LEU B 145 -20.15 9.53 -5.69
C LEU B 145 -19.65 9.08 -4.31
N LEU B 146 -20.27 9.64 -3.27
CA LEU B 146 -19.81 9.45 -1.92
C LEU B 146 -21.01 9.03 -1.03
N SER B 147 -21.55 7.86 -1.37
CA SER B 147 -22.82 7.38 -0.71
C SER B 147 -22.77 5.93 -0.16
N ARG B 148 -22.05 5.05 -0.83
CA ARG B 148 -21.94 3.72 -0.42
C ARG B 148 -20.85 3.62 0.68
N SER B 149 -21.25 3.39 1.92
CA SER B 149 -20.31 3.34 3.05
C SER B 149 -19.32 2.22 2.90
N ASN B 150 -18.12 2.48 3.37
CA ASN B 150 -17.08 1.52 3.40
C ASN B 150 -16.99 1.22 4.86
N ILE B 151 -17.28 -0.04 5.23
CA ILE B 151 -17.16 -0.47 6.62
C ILE B 151 -16.24 -1.65 6.62
N PRO B 152 -14.99 -1.45 7.06
CA PRO B 152 -14.06 -2.58 6.86
C PRO B 152 -14.26 -3.70 7.92
N ASP B 153 -13.86 -4.91 7.54
CA ASP B 153 -13.84 -6.09 8.42
C ASP B 153 -12.68 -6.05 9.37
N ILE B 154 -12.84 -5.29 10.43
CA ILE B 154 -11.83 -5.19 11.45
C ILE B 154 -12.18 -6.40 12.33
N PRO B 155 -11.15 -7.21 12.71
CA PRO B 155 -11.34 -8.32 13.68
C PRO B 155 -12.06 -7.85 14.94
N GLY B 156 -13.17 -8.50 15.23
CA GLY B 156 -13.93 -8.15 16.41
C GLY B 156 -15.05 -7.14 16.26
N ARG B 157 -15.01 -6.32 15.22
CA ARG B 157 -16.04 -5.28 15.03
C ARG B 157 -17.41 -5.58 15.68
N ASP B 158 -18.00 -6.68 15.27
CA ASP B 158 -19.36 -7.04 15.68
C ASP B 158 -19.47 -7.34 17.18
N SER B 159 -18.39 -7.79 17.82
CA SER B 159 -18.34 -8.02 19.29
C SER B 159 -18.34 -6.79 20.18
N PHE B 160 -18.34 -5.56 19.63
CA PHE B 160 -18.32 -4.32 20.46
C PHE B 160 -19.65 -4.16 21.11
N ALA B 161 -19.70 -3.83 22.40
CA ALA B 161 -21.02 -3.78 23.16
C ALA B 161 -21.76 -2.42 23.20
N GLY B 162 -21.00 -1.36 23.04
CA GLY B 162 -21.59 -0.03 22.97
C GLY B 162 -22.08 0.23 21.55
N ARG B 163 -22.24 1.51 21.25
CA ARG B 163 -22.87 2.02 20.03
C ARG B 163 -21.84 2.10 18.85
N LEU B 164 -21.96 1.25 17.82
CA LEU B 164 -21.04 1.10 16.73
C LEU B 164 -21.69 1.66 15.46
N VAL B 165 -21.28 2.86 15.02
CA VAL B 165 -21.89 3.61 13.92
C VAL B 165 -20.90 3.96 12.81
N HIS B 166 -21.33 3.96 11.54
CA HIS B 166 -20.54 4.64 10.48
C HIS B 166 -21.10 6.09 10.42
N THR B 167 -20.25 7.09 10.06
CA THR B 167 -20.70 8.49 9.96
C THR B 167 -21.85 8.71 8.94
N ASN B 168 -21.85 7.89 7.87
CA ASN B 168 -22.83 7.98 6.77
C ASN B 168 -24.18 7.24 7.17
N ALA B 169 -24.22 6.69 8.38
CA ALA B 169 -25.41 6.03 8.95
C ALA B 169 -25.56 6.59 10.38
N TRP B 170 -25.16 7.84 10.59
CA TRP B 170 -25.18 8.31 11.94
C TRP B 170 -26.64 8.40 12.40
N PRO B 171 -26.95 7.77 13.58
CA PRO B 171 -28.37 7.79 14.04
C PRO B 171 -28.82 9.08 14.71
N GLU B 172 -30.05 9.50 14.43
CA GLU B 172 -30.54 10.80 14.90
C GLU B 172 -30.56 11.04 16.43
N ASP B 173 -30.80 9.97 17.15
CA ASP B 173 -30.91 10.00 18.62
C ASP B 173 -29.57 10.19 19.34
N LEU B 174 -28.49 9.58 18.84
CA LEU B 174 -27.27 9.35 19.61
C LEU B 174 -26.63 10.61 20.06
N ASP B 175 -26.62 10.84 21.37
CA ASP B 175 -25.97 12.04 21.92
C ASP B 175 -24.67 11.62 22.54
N ILE B 176 -23.56 12.06 21.99
CA ILE B 176 -22.28 11.61 22.53
C ILE B 176 -21.75 12.43 23.71
N THR B 177 -22.50 13.44 24.17
CA THR B 177 -22.08 14.25 25.37
C THR B 177 -21.71 13.35 26.56
N GLY B 178 -20.59 13.65 27.18
CA GLY B 178 -20.12 12.89 28.31
C GLY B 178 -19.73 11.45 28.07
N LYS B 179 -19.63 10.96 26.82
CA LYS B 179 -19.22 9.55 26.58
C LYS B 179 -17.78 9.39 26.20
N ARG B 180 -17.35 8.14 26.24
CA ARG B 180 -16.05 7.74 25.81
C ARG B 180 -16.23 7.28 24.36
N VAL B 181 -15.61 8.02 23.45
CA VAL B 181 -15.85 7.87 22.00
C VAL B 181 -14.52 7.57 21.37
N GLY B 182 -14.49 6.65 20.40
CA GLY B 182 -13.32 6.23 19.64
C GLY B 182 -13.79 6.55 18.24
N VAL B 183 -12.86 7.04 17.39
CA VAL B 183 -13.13 7.21 15.98
C VAL B 183 -11.99 6.62 15.15
N ILE B 184 -12.36 5.86 14.11
CA ILE B 184 -11.38 5.30 13.21
C ILE B 184 -11.54 6.08 11.93
N GLY B 185 -10.41 6.66 11.49
CA GLY B 185 -10.35 7.43 10.17
C GLY B 185 -10.15 8.89 10.45
N THR B 186 -9.26 9.51 9.66
CA THR B 186 -9.00 10.95 9.85
C THR B 186 -8.95 11.71 8.50
N GLY B 187 -9.89 11.42 7.61
CA GLY B 187 -10.14 12.25 6.46
C GLY B 187 -11.07 13.38 6.77
N SER B 188 -11.74 13.86 5.74
N SER B 188 -11.73 13.85 5.74
CA SER B 188 -12.61 15.01 5.93
CA SER B 188 -12.60 15.00 5.91
C SER B 188 -13.72 14.71 6.94
C SER B 188 -13.70 14.70 6.95
N THR B 189 -14.29 13.50 6.85
CA THR B 189 -15.37 13.12 7.86
C THR B 189 -14.78 13.07 9.30
N GLY B 190 -13.71 12.28 9.46
CA GLY B 190 -13.05 12.06 10.74
C GLY B 190 -12.57 13.33 11.44
N THR B 191 -11.88 14.19 10.70
CA THR B 191 -11.34 15.36 11.30
C THR B 191 -12.44 16.39 11.70
N GLN B 192 -13.54 16.56 10.95
CA GLN B 192 -14.56 17.55 11.38
C GLN B 192 -15.41 16.95 12.51
N PHE B 193 -15.53 15.64 12.50
CA PHE B 193 -16.18 14.93 13.62
C PHE B 193 -15.30 15.15 14.86
N ILE B 194 -13.97 14.97 14.73
CA ILE B 194 -13.03 15.00 15.87
C ILE B 194 -13.16 16.38 16.50
N VAL B 195 -13.30 17.41 15.71
CA VAL B 195 -13.40 18.74 16.26
C VAL B 195 -14.69 18.94 17.06
N ALA B 196 -15.80 18.53 16.51
CA ALA B 196 -17.06 18.70 17.26
C ALA B 196 -17.19 17.76 18.52
N ALA B 197 -16.82 16.51 18.29
CA ALA B 197 -16.86 15.50 19.31
C ALA B 197 -15.95 15.81 20.52
N ALA B 198 -14.77 16.41 20.29
CA ALA B 198 -13.86 16.79 21.44
C ALA B 198 -14.52 17.78 22.42
N LYS B 199 -15.42 18.64 21.94
CA LYS B 199 -16.20 19.55 22.80
C LYS B 199 -17.28 18.82 23.60
N MET B 200 -17.70 17.62 23.21
CA MET B 200 -18.85 16.93 23.76
C MET B 200 -18.44 15.70 24.54
N ALA B 201 -17.64 14.82 23.96
CA ALA B 201 -17.19 13.61 24.66
C ALA B 201 -16.43 13.91 25.96
N GLU B 202 -16.45 12.97 26.86
CA GLU B 202 -15.67 13.06 28.03
C GLU B 202 -14.26 12.46 27.79
N GLN B 203 -14.13 11.55 26.82
CA GLN B 203 -12.86 11.11 26.26
C GLN B 203 -13.08 10.76 24.78
N LEU B 204 -12.18 11.24 23.91
CA LEU B 204 -12.21 10.96 22.48
C LEU B 204 -10.88 10.40 22.12
N THR B 205 -10.89 9.17 21.63
CA THR B 205 -9.68 8.49 21.24
C THR B 205 -9.70 8.43 19.72
N VAL B 206 -8.64 8.96 19.09
CA VAL B 206 -8.50 8.93 17.66
C VAL B 206 -7.58 7.78 17.17
N PHE B 207 -8.18 6.89 16.40
CA PHE B 207 -7.43 5.82 15.78
C PHE B 207 -6.95 6.23 14.38
N GLN B 208 -5.70 6.66 14.26
CA GLN B 208 -5.25 7.21 13.01
C GLN B 208 -4.34 6.27 12.22
N ARG B 209 -4.76 5.87 11.03
CA ARG B 209 -3.87 5.00 10.27
C ARG B 209 -2.87 5.90 9.42
N THR B 210 -3.35 7.02 8.89
CA THR B 210 -2.44 7.90 8.11
C THR B 210 -2.85 9.34 8.43
N PRO B 211 -1.96 10.15 9.04
CA PRO B 211 -2.30 11.58 9.18
C PRO B 211 -2.40 12.33 7.82
N GLN B 212 -3.31 13.31 7.79
CA GLN B 212 -3.49 14.23 6.70
C GLN B 212 -3.18 15.71 7.02
N TYR B 213 -2.90 16.43 5.92
CA TYR B 213 -2.78 17.87 5.95
C TYR B 213 -4.17 18.50 6.13
N CYS B 214 -4.19 19.58 6.92
CA CYS B 214 -5.39 20.29 7.07
C CYS B 214 -5.11 21.72 7.33
N VAL B 215 -6.03 22.58 6.91
CA VAL B 215 -5.85 24.04 7.10
C VAL B 215 -7.10 24.61 7.78
N PRO B 216 -7.05 25.85 8.35
CA PRO B 216 -8.22 26.50 8.87
C PRO B 216 -9.33 26.59 7.83
N SER B 217 -10.58 26.38 8.22
CA SER B 217 -11.70 26.69 7.36
C SER B 217 -11.99 28.18 7.33
N GLY B 218 -11.70 28.88 8.45
CA GLY B 218 -12.15 30.25 8.62
C GLY B 218 -13.65 30.36 8.81
N ASN B 219 -14.27 29.29 9.26
CA ASN B 219 -15.71 29.32 9.47
C ASN B 219 -16.08 30.28 10.58
N GLY B 220 -17.19 30.97 10.44
CA GLY B 220 -17.71 31.73 11.59
C GLY B 220 -19.05 32.34 11.13
N PRO B 221 -19.72 33.17 11.95
CA PRO B 221 -20.94 33.82 11.57
C PRO B 221 -20.73 34.64 10.30
N MET B 222 -21.80 34.84 9.53
CA MET B 222 -21.82 35.68 8.33
C MET B 222 -22.35 36.99 8.71
N ASP B 223 -21.76 38.06 8.22
CA ASP B 223 -22.38 39.36 8.28
C ASP B 223 -23.57 39.33 7.31
N PRO B 224 -24.76 39.59 7.82
CA PRO B 224 -25.96 39.68 6.92
C PRO B 224 -25.81 40.68 5.78
N ASP B 225 -25.06 41.76 5.98
CA ASP B 225 -24.76 42.68 4.88
C ASP B 225 -23.89 42.11 3.80
N GLU B 226 -22.88 41.34 4.16
CA GLU B 226 -22.08 40.60 3.13
C GLU B 226 -22.96 39.56 2.42
N VAL B 227 -23.82 38.85 3.16
CA VAL B 227 -24.79 37.95 2.56
C VAL B 227 -25.67 38.75 1.58
N ALA B 228 -26.15 39.93 1.97
CA ALA B 228 -26.90 40.79 1.02
C ALA B 228 -26.01 41.33 -0.15
N ARG B 229 -24.76 41.71 0.05
CA ARG B 229 -23.88 42.05 -1.15
C ARG B 229 -23.77 40.80 -2.02
N ILE B 230 -23.46 39.67 -1.39
CA ILE B 230 -23.26 38.43 -2.19
C ILE B 230 -24.46 38.18 -3.09
N LYS B 231 -25.67 38.41 -2.59
CA LYS B 231 -26.84 38.11 -3.41
C LYS B 231 -26.94 39.06 -4.55
N GLN B 232 -26.84 40.35 -4.27
CA GLN B 232 -26.95 41.31 -5.35
C GLN B 232 -25.96 41.01 -6.46
N ASN B 233 -24.84 40.34 -6.15
CA ASN B 233 -23.86 39.89 -7.19
C ASN B 233 -23.87 38.43 -7.64
N PHE B 234 -25.00 37.77 -7.46
CA PHE B 234 -24.98 36.32 -7.65
C PHE B 234 -24.72 35.99 -9.12
N ASP B 235 -25.29 36.73 -10.09
CA ASP B 235 -25.06 36.31 -11.51
C ASP B 235 -23.56 36.22 -11.85
N SER B 236 -22.87 37.28 -11.42
CA SER B 236 -21.44 37.42 -11.61
C SER B 236 -20.65 36.29 -10.94
N ILE B 237 -20.94 36.09 -9.66
CA ILE B 237 -20.40 34.96 -8.90
C ILE B 237 -20.56 33.62 -9.66
N TRP B 238 -21.77 33.34 -10.16
CA TRP B 238 -21.98 32.05 -10.81
C TRP B 238 -21.29 32.02 -12.14
N ASP B 239 -21.12 33.17 -12.79
CA ASP B 239 -20.33 33.14 -14.10
C ASP B 239 -18.90 32.67 -13.87
N GLN B 240 -18.27 33.18 -12.79
CA GLN B 240 -16.95 32.82 -12.39
C GLN B 240 -16.94 31.33 -12.00
N VAL B 241 -17.96 30.87 -11.23
CA VAL B 241 -17.98 29.51 -10.85
C VAL B 241 -17.94 28.62 -12.08
N ARG B 242 -18.82 28.91 -13.05
CA ARG B 242 -18.95 28.01 -14.20
C ARG B 242 -17.74 27.85 -15.11
N SER B 243 -16.90 28.89 -15.17
CA SER B 243 -15.74 28.87 -15.99
C SER B 243 -14.48 28.58 -15.23
N SER B 244 -14.61 28.28 -13.93
CA SER B 244 -13.49 27.97 -13.12
C SER B 244 -13.10 26.54 -13.31
N THR B 245 -12.00 26.15 -12.68
CA THR B 245 -11.68 24.74 -12.54
C THR B 245 -12.51 23.99 -11.45
N VAL B 246 -12.32 24.35 -10.19
CA VAL B 246 -12.87 23.60 -9.11
C VAL B 246 -14.21 24.13 -8.63
N ALA B 247 -14.69 25.24 -9.15
CA ALA B 247 -15.99 25.81 -8.85
C ALA B 247 -16.30 26.18 -7.41
N PHE B 248 -15.30 26.45 -6.60
CA PHE B 248 -15.49 26.77 -5.20
C PHE B 248 -15.72 28.26 -4.86
N GLY B 249 -15.86 29.14 -5.84
CA GLY B 249 -16.22 30.53 -5.62
C GLY B 249 -15.09 31.57 -5.48
N PHE B 250 -13.88 31.10 -5.71
CA PHE B 250 -12.66 31.90 -5.74
C PHE B 250 -11.97 31.60 -7.14
N GLU B 251 -11.16 32.58 -7.60
CA GLU B 251 -10.25 32.42 -8.78
C GLU B 251 -9.00 31.65 -8.37
N GLU B 252 -8.79 30.60 -9.14
CA GLU B 252 -7.64 29.76 -9.00
C GLU B 252 -6.43 30.67 -9.35
N SER B 253 -5.32 30.49 -8.67
CA SER B 253 -4.09 31.21 -9.00
C SER B 253 -3.56 30.79 -10.38
N THR B 254 -2.91 31.77 -11.06
CA THR B 254 -2.06 31.51 -12.31
C THR B 254 -0.58 31.69 -12.03
N VAL B 255 -0.19 31.75 -10.73
CA VAL B 255 1.19 32.00 -10.37
C VAL B 255 1.93 30.74 -10.04
N GLU B 256 3.00 30.37 -10.69
CA GLU B 256 3.79 29.26 -10.28
C GLU B 256 4.45 29.49 -8.97
N ALA B 257 4.26 28.60 -8.05
CA ALA B 257 4.85 28.68 -6.66
C ALA B 257 6.36 29.01 -6.63
N MET B 258 7.10 28.36 -7.53
CA MET B 258 8.55 28.38 -7.51
C MET B 258 9.06 29.54 -8.40
N SER B 259 8.15 30.38 -8.80
CA SER B 259 8.50 31.49 -9.64
C SER B 259 8.52 32.78 -8.83
N VAL B 260 8.26 32.74 -7.52
CA VAL B 260 8.25 33.91 -6.67
C VAL B 260 9.26 33.65 -5.58
N SER B 261 9.53 34.65 -4.76
CA SER B 261 10.57 34.42 -3.75
C SER B 261 10.01 33.53 -2.58
N GLU B 262 10.94 33.06 -1.75
CA GLU B 262 10.66 32.31 -0.59
C GLU B 262 9.84 33.18 0.37
N SER B 263 10.16 34.44 0.57
CA SER B 263 9.29 35.29 1.41
C SER B 263 7.89 35.47 0.80
N GLU B 264 7.76 35.45 -0.51
CA GLU B 264 6.51 35.62 -1.14
C GLU B 264 5.65 34.33 -1.05
N ARG B 265 6.25 33.16 -1.29
CA ARG B 265 5.56 31.87 -0.98
C ARG B 265 4.95 31.83 0.42
N GLN B 266 5.82 32.18 1.40
CA GLN B 266 5.43 32.26 2.82
C GLN B 266 4.23 33.19 3.01
N ARG B 267 4.29 34.33 2.34
CA ARG B 267 3.20 35.24 2.49
C ARG B 267 1.93 34.75 1.85
N VAL B 268 2.04 34.20 0.66
CA VAL B 268 0.84 33.67 -0.07
C VAL B 268 0.18 32.55 0.79
N PHE B 269 1.00 31.66 1.35
CA PHE B 269 0.49 30.52 2.04
C PHE B 269 -0.14 31.02 3.32
N GLN B 270 0.54 31.89 4.06
CA GLN B 270 -0.02 32.43 5.26
C GLN B 270 -1.32 33.18 4.97
N GLN B 271 -1.36 33.95 3.89
CA GLN B 271 -2.60 34.65 3.48
C GLN B 271 -3.80 33.66 3.27
N ALA B 272 -3.54 32.55 2.63
CA ALA B 272 -4.58 31.50 2.43
C ALA B 272 -5.05 30.79 3.78
N TRP B 273 -4.06 30.54 4.63
CA TRP B 273 -4.25 29.92 5.93
C TRP B 273 -5.13 30.79 6.80
N ASP B 274 -4.88 32.10 6.81
CA ASP B 274 -5.68 33.08 7.62
C ASP B 274 -7.06 33.28 6.96
N LYS B 275 -7.12 33.15 5.67
CA LYS B 275 -8.39 33.29 4.99
C LYS B 275 -9.24 32.03 5.16
N GLY B 276 -8.60 30.87 5.13
CA GLY B 276 -9.25 29.57 5.26
C GLY B 276 -9.68 28.92 3.94
N ASN B 277 -9.96 27.64 4.03
CA ASN B 277 -10.52 26.78 3.01
C ASN B 277 -9.42 25.93 2.36
N GLY B 278 -9.65 24.60 2.35
CA GLY B 278 -8.64 23.68 1.83
C GLY B 278 -8.45 23.81 0.36
N PHE B 279 -9.53 23.94 -0.36
CA PHE B 279 -9.51 24.14 -1.80
C PHE B 279 -8.80 25.49 -2.15
N ARG B 280 -9.05 26.55 -1.40
CA ARG B 280 -8.26 27.81 -1.60
CA ARG B 280 -8.27 27.80 -1.63
C ARG B 280 -6.76 27.60 -1.40
N PHE B 281 -6.38 26.85 -0.39
CA PHE B 281 -4.98 26.61 -0.13
C PHE B 281 -4.30 25.86 -1.27
N MET B 282 -5.01 24.88 -1.86
CA MET B 282 -4.48 23.97 -2.86
C MET B 282 -4.44 24.61 -4.23
N PHE B 283 -5.45 25.42 -4.53
CA PHE B 283 -5.70 26.02 -5.87
C PHE B 283 -5.72 27.57 -5.96
N GLY B 284 -5.93 28.24 -4.84
CA GLY B 284 -6.00 29.69 -4.80
C GLY B 284 -4.64 30.36 -4.57
N THR B 285 -3.69 29.66 -4.00
CA THR B 285 -2.39 30.15 -3.62
C THR B 285 -1.47 30.33 -4.85
N PHE B 286 -1.12 29.20 -5.48
CA PHE B 286 -0.36 29.14 -6.79
C PHE B 286 -1.06 28.08 -7.70
N CYS B 287 -0.66 28.04 -8.95
CA CYS B 287 -1.31 27.29 -9.98
C CYS B 287 -0.83 25.88 -10.10
N ASP B 288 0.22 25.53 -9.42
CA ASP B 288 0.86 24.26 -9.65
C ASP B 288 1.12 23.40 -8.36
N ILE B 289 0.35 23.65 -7.33
CA ILE B 289 0.55 22.90 -6.06
C ILE B 289 0.29 21.41 -6.38
N ALA B 290 -0.69 21.17 -7.26
CA ALA B 290 -1.04 19.77 -7.56
C ALA B 290 -0.31 19.13 -8.76
N THR B 291 0.63 19.86 -9.39
CA THR B 291 1.26 19.39 -10.64
C THR B 291 2.78 19.44 -10.53
N ASN B 292 3.31 20.43 -9.82
CA ASN B 292 4.71 20.58 -9.65
C ASN B 292 5.11 20.00 -8.30
N PRO B 293 6.01 18.97 -8.30
CA PRO B 293 6.50 18.41 -7.02
C PRO B 293 7.10 19.45 -6.03
N GLU B 294 7.78 20.45 -6.53
CA GLU B 294 8.43 21.39 -5.66
C GLU B 294 7.37 22.29 -5.08
N ALA B 295 6.34 22.66 -5.85
CA ALA B 295 5.25 23.45 -5.35
C ALA B 295 4.54 22.70 -4.20
N ASN B 296 4.39 21.42 -4.41
CA ASN B 296 3.64 20.60 -3.50
C ASN B 296 4.40 20.39 -2.22
N ALA B 297 5.70 20.09 -2.34
CA ALA B 297 6.57 20.08 -1.18
C ALA B 297 6.57 21.41 -0.36
N ALA B 298 6.51 22.58 -1.02
CA ALA B 298 6.42 23.91 -0.33
C ALA B 298 5.18 23.98 0.51
N ALA B 299 4.06 23.62 -0.10
CA ALA B 299 2.77 23.67 0.56
C ALA B 299 2.72 22.72 1.76
N ALA B 300 3.17 21.51 1.50
CA ALA B 300 3.25 20.45 2.55
C ALA B 300 4.11 20.93 3.74
N ALA B 301 5.27 21.58 3.45
CA ALA B 301 6.17 21.97 4.49
C ALA B 301 5.59 23.09 5.34
N PHE B 302 4.79 23.92 4.72
CA PHE B 302 4.16 25.02 5.42
C PHE B 302 3.17 24.58 6.46
N ILE B 303 2.34 23.60 6.09
CA ILE B 303 1.38 23.02 6.99
C ILE B 303 2.09 22.24 8.11
N ARG B 304 3.11 21.47 7.77
CA ARG B 304 3.88 20.79 8.79
C ARG B 304 4.44 21.77 9.89
N SER B 305 4.97 22.91 9.51
CA SER B 305 5.50 23.78 10.45
C SER B 305 4.36 24.48 11.27
N LYS B 306 3.14 24.56 10.74
CA LYS B 306 1.96 24.88 11.57
C LYS B 306 1.60 23.80 12.62
N ILE B 307 1.61 22.57 12.21
CA ILE B 307 1.34 21.50 13.20
C ILE B 307 2.35 21.63 14.37
N ALA B 308 3.63 21.86 14.06
CA ALA B 308 4.65 21.93 15.08
C ALA B 308 4.54 23.19 16.02
N GLU B 309 3.96 24.30 15.53
CA GLU B 309 3.65 25.51 16.40
C GLU B 309 2.41 25.21 17.25
N ILE B 310 1.40 24.65 16.63
CA ILE B 310 0.16 24.43 17.31
C ILE B 310 0.18 23.35 18.43
N VAL B 311 0.79 22.19 18.21
CA VAL B 311 0.56 21.03 19.01
C VAL B 311 1.66 20.99 20.02
N LYS B 312 1.31 21.08 21.29
CA LYS B 312 2.32 21.19 22.35
C LYS B 312 3.10 19.92 22.72
N ASP B 313 2.43 18.79 22.81
CA ASP B 313 3.11 17.55 23.13
C ASP B 313 3.86 17.11 21.85
N PRO B 314 5.21 17.04 21.89
CA PRO B 314 6.00 16.63 20.71
C PRO B 314 5.67 15.24 20.12
N GLU B 315 5.26 14.29 20.96
CA GLU B 315 4.97 12.96 20.54
C GLU B 315 3.71 13.05 19.73
N THR B 316 2.75 13.78 20.26
CA THR B 316 1.50 13.98 19.54
C THR B 316 1.71 14.75 18.21
N ALA B 317 2.39 15.89 18.23
CA ALA B 317 2.72 16.57 17.02
C ALA B 317 3.38 15.59 15.94
N ARG B 318 4.35 14.75 16.37
CA ARG B 318 5.01 13.78 15.53
C ARG B 318 4.00 12.86 14.85
N LYS B 319 3.06 12.40 15.61
CA LYS B 319 2.14 11.45 15.03
C LYS B 319 1.14 12.12 14.07
N LEU B 320 0.81 13.37 14.33
CA LEU B 320 -0.04 14.22 13.45
C LEU B 320 0.59 14.76 12.18
N THR B 321 1.92 14.66 12.07
CA THR B 321 2.67 15.30 10.99
C THR B 321 2.61 14.39 9.75
N PRO B 322 1.93 14.82 8.68
CA PRO B 322 1.88 13.99 7.51
C PRO B 322 3.19 14.08 6.75
N THR B 323 3.55 13.01 6.05
CA THR B 323 4.76 12.92 5.24
C THR B 323 4.54 12.53 3.76
N ASP B 324 3.30 12.42 3.36
CA ASP B 324 2.92 12.04 2.02
C ASP B 324 2.77 13.30 1.14
N LEU B 325 2.41 13.12 -0.11
CA LEU B 325 2.05 14.32 -0.92
C LEU B 325 0.82 15.10 -0.38
N TYR B 326 0.82 16.42 -0.63
CA TYR B 326 -0.37 17.25 -0.44
C TYR B 326 -1.21 17.08 -1.64
N ALA B 327 -1.80 15.92 -1.77
CA ALA B 327 -2.57 15.58 -2.95
C ALA B 327 -3.80 14.73 -2.72
N LYS B 328 -4.22 14.52 -1.48
N LYS B 328 -4.22 14.53 -1.48
CA LYS B 328 -5.56 13.96 -1.27
CA LYS B 328 -5.55 13.97 -1.25
C LYS B 328 -6.52 15.12 -1.36
C LYS B 328 -6.52 15.13 -1.35
N ARG B 329 -7.81 14.83 -1.26
CA ARG B 329 -8.84 15.88 -1.24
C ARG B 329 -8.45 16.79 -0.07
N PRO B 330 -8.36 18.10 -0.29
CA PRO B 330 -7.81 18.95 0.76
C PRO B 330 -8.77 19.25 1.86
N LEU B 331 -8.24 19.18 3.04
CA LEU B 331 -9.10 19.31 4.22
C LEU B 331 -9.04 20.69 4.81
N CYS B 332 -10.18 21.15 5.32
CA CYS B 332 -10.10 22.23 6.27
C CYS B 332 -11.08 22.07 7.47
N ASN B 333 -10.71 22.71 8.57
CA ASN B 333 -11.40 22.55 9.83
C ASN B 333 -11.27 23.77 10.76
N GLU B 334 -12.11 23.85 11.80
CA GLU B 334 -11.99 24.86 12.83
C GLU B 334 -11.07 24.30 13.87
N GLY B 335 -9.80 24.50 13.69
CA GLY B 335 -8.86 24.13 14.76
C GLY B 335 -8.60 22.66 15.03
N TYR B 336 -8.36 21.95 13.95
CA TYR B 336 -8.15 20.52 13.98
C TYR B 336 -6.96 20.17 14.81
N TYR B 337 -5.82 20.76 14.53
CA TYR B 337 -4.60 20.35 15.24
C TYR B 337 -4.70 20.85 16.68
N GLU B 338 -5.31 22.00 16.90
CA GLU B 338 -5.35 22.56 18.29
C GLU B 338 -6.17 21.62 19.19
N THR B 339 -7.14 20.96 18.62
CA THR B 339 -7.96 20.02 19.34
C THR B 339 -7.12 18.98 20.05
N TYR B 340 -5.99 18.52 19.48
CA TYR B 340 -5.13 17.62 20.17
C TYR B 340 -4.39 18.15 21.44
N ASN B 341 -4.47 19.43 21.70
CA ASN B 341 -4.02 19.99 22.96
C ASN B 341 -5.08 19.80 24.08
N ARG B 342 -6.31 19.34 23.78
CA ARG B 342 -7.34 19.15 24.84
C ARG B 342 -6.92 17.95 25.67
N ASP B 343 -6.98 18.08 26.99
CA ASP B 343 -6.75 16.91 27.87
C ASP B 343 -7.60 15.65 27.57
N ASN B 344 -8.81 15.84 27.07
CA ASN B 344 -9.69 14.70 26.82
C ASN B 344 -9.52 14.00 25.45
N VAL B 345 -8.53 14.44 24.62
CA VAL B 345 -8.29 13.87 23.29
C VAL B 345 -7.01 13.16 23.30
N SER B 346 -6.99 11.92 22.84
CA SER B 346 -5.75 11.12 22.72
C SER B 346 -5.66 10.57 21.27
N LEU B 347 -4.46 10.26 20.83
CA LEU B 347 -4.20 9.90 19.44
C LEU B 347 -3.49 8.58 19.42
N VAL B 348 -4.04 7.61 18.69
CA VAL B 348 -3.44 6.35 18.49
C VAL B 348 -2.97 6.22 17.02
N SER B 349 -1.70 5.93 16.79
CA SER B 349 -1.28 5.72 15.44
C SER B 349 -1.42 4.27 15.12
N LEU B 350 -2.29 3.96 14.16
CA LEU B 350 -2.56 2.56 13.80
C LEU B 350 -1.44 1.93 13.02
N LYS B 351 -0.55 2.77 12.48
CA LYS B 351 0.67 2.27 11.82
C LYS B 351 1.74 1.82 12.82
N GLU B 352 1.80 2.46 13.99
CA GLU B 352 2.74 1.99 15.05
C GLU B 352 2.18 0.89 15.97
N THR B 353 0.86 0.85 16.11
CA THR B 353 0.22 -0.14 16.91
C THR B 353 -1.15 -0.45 16.34
N PRO B 354 -1.18 -1.30 15.24
CA PRO B 354 -2.46 -1.70 14.65
C PRO B 354 -3.50 -2.20 15.66
N ILE B 355 -4.74 -2.16 15.26
CA ILE B 355 -5.83 -2.77 15.96
C ILE B 355 -5.62 -4.31 15.93
N GLU B 356 -5.77 -4.94 17.08
CA GLU B 356 -5.68 -6.38 17.10
C GLU B 356 -7.13 -6.89 16.95
N GLU B 357 -8.02 -6.29 17.75
CA GLU B 357 -9.39 -6.67 17.71
C GLU B 357 -10.23 -5.62 18.44
N ILE B 358 -11.45 -5.49 17.97
CA ILE B 358 -12.45 -4.76 18.65
C ILE B 358 -13.02 -5.76 19.63
N VAL B 359 -13.21 -5.32 20.85
CA VAL B 359 -13.65 -6.18 21.92
C VAL B 359 -14.91 -5.52 22.45
N PRO B 360 -15.62 -6.20 23.36
CA PRO B 360 -16.86 -5.61 23.88
C PRO B 360 -16.74 -4.24 24.47
N GLN B 361 -15.70 -4.07 25.26
CA GLN B 361 -15.57 -2.81 26.02
C GLN B 361 -14.84 -1.72 25.18
N GLY B 362 -14.22 -2.07 24.05
CA GLY B 362 -13.50 -1.02 23.31
C GLY B 362 -12.67 -1.53 22.19
N VAL B 363 -11.45 -1.00 22.05
CA VAL B 363 -10.55 -1.46 21.02
C VAL B 363 -9.25 -1.88 21.62
N ARG B 364 -8.68 -2.98 21.14
CA ARG B 364 -7.38 -3.45 21.66
C ARG B 364 -6.37 -3.36 20.56
N THR B 365 -5.39 -2.46 20.74
CA THR B 365 -4.27 -2.30 19.83
C THR B 365 -3.15 -3.32 20.05
N SER B 366 -2.34 -3.55 19.02
CA SER B 366 -1.27 -4.57 19.05
C SER B 366 -0.30 -4.44 20.21
N ASP B 367 -0.23 -3.25 20.81
CA ASP B 367 0.50 -3.03 22.07
C ASP B 367 -0.12 -3.66 23.30
N GLY B 368 -1.27 -4.33 23.14
CA GLY B 368 -1.99 -4.96 24.24
C GLY B 368 -3.01 -4.05 24.91
N VAL B 369 -2.88 -2.74 24.75
CA VAL B 369 -3.71 -1.76 25.49
C VAL B 369 -5.18 -1.98 25.07
N VAL B 370 -6.15 -1.82 25.97
CA VAL B 370 -7.55 -2.01 25.59
C VAL B 370 -8.24 -0.70 25.86
N HIS B 371 -8.45 0.07 24.81
CA HIS B 371 -8.98 1.42 24.92
C HIS B 371 -10.46 1.27 25.19
N GLU B 372 -10.91 1.80 26.31
CA GLU B 372 -12.29 1.54 26.81
C GLU B 372 -13.18 2.60 26.24
N LEU B 373 -14.30 2.19 25.64
CA LEU B 373 -15.17 3.12 24.94
C LEU B 373 -16.60 2.81 25.00
N ASP B 374 -17.42 3.87 25.07
CA ASP B 374 -18.92 3.83 25.04
C ASP B 374 -19.41 3.79 23.57
N VAL B 375 -18.81 4.60 22.71
CA VAL B 375 -19.24 4.78 21.30
C VAL B 375 -18.03 4.50 20.38
N LEU B 376 -18.20 3.70 19.31
CA LEU B 376 -17.11 3.57 18.34
C LEU B 376 -17.58 4.03 16.97
N VAL B 377 -16.88 5.02 16.39
CA VAL B 377 -17.29 5.65 15.09
C VAL B 377 -16.39 5.27 13.94
N PHE B 378 -16.96 4.72 12.86
CA PHE B 378 -16.17 4.34 11.66
C PHE B 378 -16.35 5.59 10.75
N ALA B 379 -15.33 6.45 10.68
CA ALA B 379 -15.29 7.53 9.69
C ALA B 379 -14.39 6.99 8.53
N THR B 380 -14.81 5.85 8.00
CA THR B 380 -13.92 5.00 7.17
C THR B 380 -14.12 5.17 5.69
N GLY B 381 -14.96 6.17 5.32
CA GLY B 381 -15.15 6.61 3.93
C GLY B 381 -16.14 5.79 3.14
N PHE B 382 -15.97 5.80 1.81
CA PHE B 382 -16.95 5.31 0.87
C PHE B 382 -16.38 4.47 -0.23
N ASP B 383 -17.21 3.58 -0.77
CA ASP B 383 -16.90 2.82 -1.97
C ASP B 383 -17.29 3.80 -3.10
N ALA B 384 -16.36 4.68 -3.39
CA ALA B 384 -16.72 5.92 -4.06
C ALA B 384 -16.92 5.72 -5.56
N VAL B 385 -17.77 6.58 -6.09
CA VAL B 385 -18.08 6.65 -7.50
C VAL B 385 -18.94 5.50 -8.00
N ASP B 386 -18.36 4.30 -8.06
CA ASP B 386 -19.06 3.15 -8.65
C ASP B 386 -19.76 2.22 -7.67
N GLY B 387 -19.62 2.49 -6.38
CA GLY B 387 -20.16 1.57 -5.37
C GLY B 387 -21.59 1.16 -5.53
N ASN B 388 -22.50 2.11 -5.56
CA ASN B 388 -23.87 1.81 -5.76
C ASN B 388 -24.31 1.25 -7.10
N TYR B 389 -23.55 1.50 -8.16
CA TYR B 389 -23.74 0.93 -9.50
C TYR B 389 -23.38 -0.55 -9.35
N ARG B 390 -22.21 -0.86 -8.76
CA ARG B 390 -21.78 -2.26 -8.76
C ARG B 390 -22.67 -3.18 -7.87
N ALA B 391 -23.21 -2.63 -6.77
CA ALA B 391 -24.22 -3.34 -5.89
C ALA B 391 -25.61 -3.54 -6.51
N MET B 392 -25.95 -2.89 -7.59
CA MET B 392 -27.22 -3.05 -8.20
C MET B 392 -27.08 -4.22 -9.20
N ASN B 393 -28.15 -5.00 -9.39
CA ASN B 393 -28.27 -5.83 -10.55
C ASN B 393 -28.64 -4.95 -11.76
N LEU B 394 -27.61 -4.33 -12.33
CA LEU B 394 -27.68 -3.33 -13.41
C LEU B 394 -27.15 -3.98 -14.72
N ARG B 395 -28.04 -4.22 -15.70
CA ARG B 395 -27.72 -4.95 -16.89
C ARG B 395 -28.20 -4.18 -18.09
N GLY B 396 -27.38 -4.16 -19.15
CA GLY B 396 -27.73 -3.50 -20.39
C GLY B 396 -28.03 -4.43 -21.55
N ARG B 397 -27.55 -4.05 -22.67
CA ARG B 397 -27.62 -4.92 -23.85
C ARG B 397 -26.84 -6.19 -23.69
N ASP B 398 -27.29 -7.20 -24.41
CA ASP B 398 -26.77 -8.58 -24.27
C ASP B 398 -26.79 -9.10 -22.84
N GLY B 399 -27.55 -8.44 -21.96
CA GLY B 399 -27.72 -8.86 -20.60
C GLY B 399 -26.51 -8.70 -19.75
N ARG B 400 -25.50 -8.00 -20.21
CA ARG B 400 -24.24 -7.99 -19.47
C ARG B 400 -24.42 -7.04 -18.24
N HIS B 401 -23.98 -7.52 -17.09
CA HIS B 401 -23.94 -6.73 -15.88
C HIS B 401 -22.92 -5.59 -16.03
N ILE B 402 -23.16 -4.46 -15.39
CA ILE B 402 -22.28 -3.31 -15.41
C ILE B 402 -20.86 -3.73 -15.04
N ASN B 403 -20.72 -4.66 -14.08
CA ASN B 403 -19.39 -5.16 -13.66
C ASN B 403 -18.58 -5.77 -14.78
N GLU B 404 -19.24 -6.37 -15.75
CA GLU B 404 -18.55 -6.92 -16.93
C GLU B 404 -17.92 -5.85 -17.86
N HIS B 405 -18.52 -4.68 -17.82
CA HIS B 405 -18.03 -3.51 -18.58
C HIS B 405 -16.94 -2.75 -17.86
N TRP B 406 -16.69 -3.05 -16.58
CA TRP B 406 -15.81 -2.20 -15.74
C TRP B 406 -14.67 -2.96 -15.14
N THR B 407 -14.13 -3.93 -15.83
CA THR B 407 -13.09 -4.77 -15.24
C THR B 407 -11.77 -4.06 -15.00
N GLU B 408 -11.46 -2.99 -15.73
CA GLU B 408 -10.23 -2.20 -15.41
C GLU B 408 -10.58 -0.90 -14.69
N GLY B 409 -11.74 -0.80 -14.07
CA GLY B 409 -12.16 0.48 -13.55
C GLY B 409 -13.49 0.94 -14.11
N PRO B 410 -14.15 1.83 -13.41
CA PRO B 410 -15.43 2.28 -13.88
C PRO B 410 -15.32 3.26 -15.03
N THR B 411 -16.20 3.19 -16.00
CA THR B 411 -16.11 3.93 -17.23
C THR B 411 -17.41 4.55 -17.62
N SER B 412 -17.33 5.64 -18.37
CA SER B 412 -18.44 6.27 -18.97
C SER B 412 -18.06 6.98 -20.26
N TYR B 413 -19.08 7.48 -20.92
CA TYR B 413 -18.89 8.59 -21.85
C TYR B 413 -19.38 9.91 -21.24
N LEU B 414 -18.42 10.82 -21.03
CA LEU B 414 -18.67 12.18 -20.47
C LEU B 414 -19.20 12.21 -19.06
N GLY B 415 -19.07 11.12 -18.34
CA GLY B 415 -19.57 11.15 -16.94
C GLY B 415 -21.05 10.84 -16.79
N VAL B 416 -21.76 10.79 -17.91
CA VAL B 416 -23.17 10.81 -17.84
C VAL B 416 -23.87 9.73 -18.69
N THR B 417 -23.16 8.96 -19.47
CA THR B 417 -23.71 7.86 -20.25
C THR B 417 -22.72 6.69 -20.20
N LYS B 418 -23.18 5.53 -20.66
CA LYS B 418 -22.45 4.31 -20.65
C LYS B 418 -22.82 3.51 -21.93
N ALA B 419 -21.77 3.10 -22.67
CA ALA B 419 -21.96 2.24 -23.84
C ALA B 419 -22.57 0.92 -23.37
N GLY B 420 -23.54 0.41 -24.15
CA GLY B 420 -24.31 -0.77 -23.81
C GLY B 420 -25.55 -0.55 -22.94
N PHE B 421 -25.74 0.66 -22.45
CA PHE B 421 -26.81 0.95 -21.56
C PHE B 421 -27.65 2.01 -22.17
N PRO B 422 -28.39 1.66 -23.20
CA PRO B 422 -29.20 2.73 -23.82
C PRO B 422 -30.22 3.38 -22.90
N ASN B 423 -30.49 4.66 -23.12
CA ASN B 423 -31.45 5.44 -22.40
C ASN B 423 -31.16 5.55 -20.91
N MET B 424 -29.92 5.26 -20.52
CA MET B 424 -29.49 5.34 -19.16
C MET B 424 -28.60 6.57 -19.07
N PHE B 425 -28.86 7.43 -18.10
CA PHE B 425 -28.01 8.59 -17.82
C PHE B 425 -27.61 8.59 -16.42
N MET B 426 -26.37 8.95 -16.12
CA MET B 426 -25.87 8.99 -14.77
C MET B 426 -25.65 10.41 -14.32
N ILE B 427 -26.03 10.73 -13.11
CA ILE B 427 -25.63 11.95 -12.45
C ILE B 427 -24.42 11.63 -11.63
N LEU B 428 -23.30 12.28 -11.95
CA LEU B 428 -22.01 12.03 -11.27
C LEU B 428 -21.60 10.61 -11.39
N GLY B 429 -21.75 10.09 -12.60
CA GLY B 429 -21.13 8.78 -12.90
C GLY B 429 -19.62 8.82 -12.94
N PRO B 430 -19.01 7.71 -13.22
CA PRO B 430 -17.59 7.64 -13.35
C PRO B 430 -17.05 8.59 -14.48
N ASN B 431 -15.85 9.11 -14.25
CA ASN B 431 -15.10 9.98 -15.20
C ASN B 431 -15.80 11.27 -15.55
N GLY B 432 -16.31 11.93 -14.50
CA GLY B 432 -16.90 13.25 -14.59
C GLY B 432 -16.13 14.14 -13.69
N PRO B 433 -16.65 15.31 -13.46
CA PRO B 433 -15.82 16.34 -12.90
C PRO B 433 -15.60 16.16 -11.41
N PHE B 434 -14.52 16.69 -10.91
CA PHE B 434 -14.20 16.75 -9.50
C PHE B 434 -14.15 18.20 -9.11
N THR B 435 -15.27 18.70 -8.62
CA THR B 435 -15.45 20.13 -8.34
C THR B 435 -16.42 20.27 -7.17
N ASN B 436 -16.67 21.50 -6.68
CA ASN B 436 -17.90 21.84 -5.99
C ASN B 436 -19.08 21.22 -6.80
N LEU B 437 -19.80 20.28 -6.20
CA LEU B 437 -20.58 19.40 -7.04
C LEU B 437 -21.93 19.91 -7.53
N PRO B 438 -22.64 20.76 -6.76
CA PRO B 438 -23.90 21.32 -7.30
C PRO B 438 -23.88 21.90 -8.68
N PRO B 439 -22.88 22.78 -8.95
CA PRO B 439 -22.82 23.21 -10.33
C PRO B 439 -22.42 22.09 -11.37
N SER B 440 -21.60 21.14 -11.01
CA SER B 440 -21.33 20.05 -11.98
C SER B 440 -22.63 19.24 -12.17
N ILE B 441 -23.37 19.02 -11.07
CA ILE B 441 -24.68 18.42 -11.20
C ILE B 441 -25.62 19.16 -12.14
N GLU B 442 -25.68 20.48 -11.98
CA GLU B 442 -26.58 21.29 -12.85
C GLU B 442 -26.24 21.16 -14.30
N ALA B 443 -24.93 21.11 -14.58
CA ALA B 443 -24.46 20.93 -15.95
C ALA B 443 -24.94 19.62 -16.50
N GLN B 444 -24.78 18.60 -15.71
CA GLN B 444 -25.12 17.27 -16.24
C GLN B 444 -26.65 17.15 -16.40
N VAL B 445 -27.39 17.62 -15.39
CA VAL B 445 -28.88 17.46 -15.39
C VAL B 445 -29.42 18.19 -16.61
N GLU B 446 -29.01 19.44 -16.74
CA GLU B 446 -29.49 20.26 -17.87
C GLU B 446 -29.11 19.64 -19.20
N TRP B 447 -27.90 19.08 -19.29
CA TRP B 447 -27.48 18.37 -20.57
C TRP B 447 -28.31 17.14 -20.87
N ILE B 448 -28.53 16.40 -19.80
CA ILE B 448 -29.36 15.20 -19.89
C ILE B 448 -30.81 15.56 -20.25
N SER B 449 -31.33 16.61 -19.64
CA SER B 449 -32.64 17.03 -19.96
C SER B 449 -32.82 17.44 -21.40
N ASP B 450 -31.79 18.12 -21.95
CA ASP B 450 -31.82 18.58 -23.34
C ASP B 450 -31.86 17.39 -24.25
N LEU B 451 -31.02 16.42 -24.01
CA LEU B 451 -30.98 15.23 -24.86
C LEU B 451 -32.25 14.38 -24.74
N ILE B 452 -32.78 14.21 -23.55
CA ILE B 452 -34.04 13.46 -23.43
C ILE B 452 -35.19 14.21 -24.15
N ASP B 453 -35.13 15.52 -24.04
CA ASP B 453 -36.08 16.35 -24.70
C ASP B 453 -36.01 16.11 -26.19
N LYS B 454 -34.80 16.07 -26.70
CA LYS B 454 -34.61 15.83 -28.12
C LYS B 454 -35.14 14.43 -28.55
N ALA B 455 -34.78 13.39 -27.80
CA ALA B 455 -35.21 12.03 -28.08
C ALA B 455 -36.74 11.96 -28.06
N THR B 456 -37.34 12.66 -27.14
CA THR B 456 -38.77 12.68 -27.01
C THR B 456 -39.35 13.28 -28.29
N ARG B 457 -38.97 14.51 -28.56
CA ARG B 457 -39.41 15.25 -29.70
C ARG B 457 -39.23 14.52 -31.01
N GLU B 458 -38.16 13.74 -31.12
CA GLU B 458 -37.81 13.03 -32.35
C GLU B 458 -38.32 11.58 -32.38
N GLY B 459 -38.88 11.10 -31.28
CA GLY B 459 -39.44 9.77 -31.23
C GLY B 459 -38.36 8.77 -31.40
N LEU B 460 -37.21 9.04 -30.81
CA LEU B 460 -36.13 8.13 -30.85
C LEU B 460 -36.52 7.02 -29.90
N THR B 461 -36.06 5.82 -30.17
CA THR B 461 -36.32 4.75 -29.26
C THR B 461 -35.13 4.50 -28.36
N THR B 462 -33.92 4.69 -28.85
CA THR B 462 -32.74 4.61 -27.91
C THR B 462 -31.68 5.66 -28.23
N VAL B 463 -30.97 6.06 -27.19
CA VAL B 463 -29.87 6.94 -27.21
C VAL B 463 -28.77 6.20 -26.45
N GLU B 464 -27.59 5.98 -27.06
CA GLU B 464 -26.47 5.33 -26.35
C GLU B 464 -25.11 5.76 -26.93
N PRO B 465 -24.10 5.88 -26.05
CA PRO B 465 -22.78 6.21 -26.62
C PRO B 465 -22.15 4.95 -27.22
N THR B 466 -21.27 5.16 -28.17
CA THR B 466 -20.61 4.05 -28.79
C THR B 466 -19.53 3.57 -27.86
N ALA B 467 -19.11 2.33 -28.07
CA ALA B 467 -18.02 1.79 -27.24
C ALA B 467 -16.75 2.56 -27.50
N ASP B 468 -16.66 3.13 -28.69
CA ASP B 468 -15.42 3.88 -29.04
C ASP B 468 -15.32 5.20 -28.33
N ALA B 469 -16.43 5.92 -28.24
CA ALA B 469 -16.47 7.17 -27.66
C ALA B 469 -16.11 6.99 -26.22
N GLU B 470 -16.61 5.93 -25.61
CA GLU B 470 -16.35 5.69 -24.19
C GLU B 470 -14.88 5.42 -23.88
N ARG B 471 -14.28 4.59 -24.69
CA ARG B 471 -12.87 4.29 -24.49
C ARG B 471 -12.00 5.55 -24.71
N GLU B 472 -12.36 6.32 -25.74
CA GLU B 472 -11.66 7.60 -26.00
C GLU B 472 -11.72 8.40 -24.69
N TRP B 473 -12.93 8.52 -24.11
CA TRP B 473 -13.17 9.32 -22.90
C TRP B 473 -12.36 8.84 -21.74
N THR B 474 -12.27 7.53 -21.58
CA THR B 474 -11.44 6.99 -20.51
C THR B 474 -10.02 7.44 -20.70
N GLU B 475 -9.53 7.38 -21.95
CA GLU B 475 -8.10 7.70 -22.23
C GLU B 475 -7.79 9.15 -21.93
N THR B 476 -8.72 10.02 -22.29
CA THR B 476 -8.66 11.45 -22.05
C THR B 476 -8.50 11.71 -20.53
N CYS B 477 -9.39 11.10 -19.72
CA CYS B 477 -9.38 11.24 -18.32
C CYS B 477 -8.09 10.78 -17.71
N ALA B 478 -7.65 9.60 -18.14
CA ALA B 478 -6.38 9.07 -17.68
C ALA B 478 -5.13 10.01 -17.97
N GLU B 479 -5.14 10.63 -19.14
CA GLU B 479 -4.07 11.55 -19.49
C GLU B 479 -4.05 12.80 -18.69
N ILE B 480 -5.21 13.40 -18.47
CA ILE B 480 -5.31 14.58 -17.63
C ILE B 480 -4.81 14.22 -16.26
N ALA B 481 -5.17 13.06 -15.78
CA ALA B 481 -4.74 12.64 -14.44
C ALA B 481 -3.25 12.43 -14.35
N ASN B 482 -2.65 11.81 -15.36
CA ASN B 482 -1.18 11.56 -15.25
C ASN B 482 -0.33 12.84 -15.23
N MET B 483 -0.97 13.99 -15.62
CA MET B 483 -0.38 15.34 -15.53
C MET B 483 -0.52 15.95 -14.15
N THR B 484 -1.03 15.18 -13.18
CA THR B 484 -1.13 15.67 -11.83
C THR B 484 -0.40 14.70 -10.91
N LEU B 485 -0.27 15.16 -9.69
CA LEU B 485 0.25 14.35 -8.61
C LEU B 485 -0.89 13.54 -7.90
N PHE B 486 -2.12 13.76 -8.30
CA PHE B 486 -3.23 13.14 -7.59
C PHE B 486 -3.17 11.60 -7.63
N PRO B 487 -2.72 10.94 -8.76
CA PRO B 487 -2.59 9.44 -8.69
C PRO B 487 -1.58 8.92 -7.74
N LYS B 488 -0.67 9.72 -7.18
CA LYS B 488 0.31 9.22 -6.21
C LYS B 488 -0.13 9.31 -4.78
N ALA B 489 -1.35 9.79 -4.52
CA ALA B 489 -1.89 9.90 -3.21
C ALA B 489 -2.80 8.70 -2.94
N ASP B 490 -2.57 8.05 -1.81
CA ASP B 490 -3.33 6.84 -1.39
C ASP B 490 -4.67 7.21 -0.80
N SER B 491 -5.67 7.33 -1.65
CA SER B 491 -7.00 7.59 -1.15
C SER B 491 -8.06 7.06 -2.09
N TRP B 492 -9.30 7.43 -1.76
CA TRP B 492 -10.45 6.93 -2.42
C TRP B 492 -10.58 7.33 -3.87
N ILE B 493 -10.02 8.47 -4.21
CA ILE B 493 -10.16 9.09 -5.56
C ILE B 493 -9.74 8.17 -6.75
N PHE B 494 -8.79 7.31 -6.53
CA PHE B 494 -8.39 6.31 -7.51
C PHE B 494 -8.73 4.89 -7.16
N GLY B 495 -9.64 4.72 -6.24
CA GLY B 495 -10.13 3.34 -5.87
C GLY B 495 -9.41 2.49 -4.84
N ALA B 496 -8.31 2.95 -4.30
CA ALA B 496 -7.38 2.09 -3.57
C ALA B 496 -7.80 1.81 -2.13
N ASN B 497 -8.70 2.61 -1.54
CA ASN B 497 -9.24 2.46 -0.18
C ASN B 497 -10.08 1.20 0.01
N ILE B 498 -10.51 0.56 -1.09
CA ILE B 498 -11.33 -0.69 -0.98
C ILE B 498 -10.53 -1.91 -1.49
N PRO B 499 -10.18 -2.86 -0.61
CA PRO B 499 -9.34 -3.93 -1.09
C PRO B 499 -10.06 -4.69 -2.26
N GLY B 500 -9.29 -5.03 -3.30
CA GLY B 500 -9.85 -5.65 -4.51
C GLY B 500 -10.33 -4.70 -5.59
N LYS B 501 -10.47 -3.40 -5.31
CA LYS B 501 -10.99 -2.50 -6.31
C LYS B 501 -9.87 -2.02 -7.26
N ARG B 502 -10.17 -1.98 -8.57
CA ARG B 502 -9.21 -1.47 -9.55
C ARG B 502 -8.78 -0.06 -9.12
N HIS B 503 -7.48 0.09 -9.01
CA HIS B 503 -6.79 1.38 -8.95
C HIS B 503 -6.82 1.88 -10.33
N ALA B 504 -7.59 2.97 -10.50
CA ALA B 504 -7.94 3.50 -11.84
C ALA B 504 -8.47 4.95 -11.72
N VAL B 505 -8.32 5.72 -12.79
CA VAL B 505 -8.90 7.07 -12.87
C VAL B 505 -10.39 6.92 -12.74
N MET B 506 -11.01 7.76 -11.92
CA MET B 506 -12.42 7.79 -11.79
C MET B 506 -13.10 9.13 -11.98
N PHE B 507 -12.33 10.15 -12.34
CA PHE B 507 -12.84 11.45 -12.60
C PHE B 507 -12.13 12.08 -13.83
N TYR B 508 -12.85 13.01 -14.44
CA TYR B 508 -12.27 13.99 -15.38
C TYR B 508 -11.73 15.14 -14.51
N LEU B 509 -10.39 15.20 -14.44
CA LEU B 509 -9.69 16.24 -13.63
C LEU B 509 -9.43 17.61 -14.39
N GLY B 510 -10.16 17.89 -15.44
CA GLY B 510 -10.01 19.11 -16.22
C GLY B 510 -10.76 20.31 -15.70
N GLY B 511 -11.62 20.14 -14.69
CA GLY B 511 -12.35 21.26 -14.16
C GLY B 511 -13.67 21.48 -14.82
N LEU B 512 -14.46 22.28 -14.17
CA LEU B 512 -15.80 22.55 -14.57
C LEU B 512 -15.88 23.34 -15.86
N GLY B 513 -15.09 24.44 -15.99
CA GLY B 513 -15.12 25.16 -17.21
C GLY B 513 -14.85 24.24 -18.39
N ASN B 514 -13.76 23.45 -18.31
CA ASN B 514 -13.42 22.53 -19.41
C ASN B 514 -14.46 21.42 -19.68
N TYR B 515 -15.05 20.92 -18.61
CA TYR B 515 -16.03 19.88 -18.74
C TYR B 515 -17.28 20.51 -19.29
N ARG B 516 -17.70 21.69 -18.85
CA ARG B 516 -18.88 22.31 -19.47
C ARG B 516 -18.68 22.54 -20.99
N ARG B 517 -17.48 22.97 -21.40
CA ARG B 517 -17.17 23.09 -22.88
C ARG B 517 -17.36 21.79 -23.62
N GLN B 518 -16.88 20.69 -23.05
CA GLN B 518 -17.01 19.35 -23.70
C GLN B 518 -18.46 18.98 -23.85
N LEU B 519 -19.24 19.15 -22.81
CA LEU B 519 -20.66 18.84 -22.93
C LEU B 519 -21.40 19.71 -23.96
N ALA B 520 -21.25 21.02 -23.87
CA ALA B 520 -21.84 21.93 -24.85
C ALA B 520 -21.38 21.59 -26.26
N ASP B 521 -20.10 21.21 -26.43
CA ASP B 521 -19.58 20.89 -27.76
C ASP B 521 -20.23 19.63 -28.28
N VAL B 522 -20.38 18.62 -27.41
CA VAL B 522 -20.97 17.36 -27.90
C VAL B 522 -22.41 17.65 -28.35
N ALA B 523 -23.17 18.35 -27.53
CA ALA B 523 -24.52 18.74 -27.91
C ALA B 523 -24.63 19.53 -29.18
N ASP B 524 -23.79 20.61 -29.25
CA ASP B 524 -23.77 21.54 -30.42
C ASP B 524 -23.41 20.82 -31.77
N GLY B 525 -22.45 19.89 -31.68
CA GLY B 525 -21.96 19.08 -32.76
C GLY B 525 -22.95 18.07 -33.33
N GLY B 526 -24.03 17.78 -32.63
CA GLY B 526 -24.95 16.71 -33.00
C GLY B 526 -24.69 15.40 -32.27
N TYR B 527 -24.19 15.45 -31.06
CA TYR B 527 -24.04 14.25 -30.20
C TYR B 527 -23.13 13.24 -30.81
N ARG B 528 -21.99 13.77 -31.26
CA ARG B 528 -20.86 12.98 -31.66
C ARG B 528 -20.53 12.02 -30.47
N GLY B 529 -20.44 10.77 -30.85
CA GLY B 529 -20.15 9.69 -29.91
C GLY B 529 -21.36 8.77 -29.72
N PHE B 530 -22.53 9.23 -30.16
CA PHE B 530 -23.80 8.54 -29.78
C PHE B 530 -24.44 7.89 -30.99
N GLN B 531 -25.12 6.77 -30.77
CA GLN B 531 -26.03 6.23 -31.74
C GLN B 531 -27.41 6.63 -31.26
N LEU B 532 -28.13 7.34 -32.13
CA LEU B 532 -29.53 7.82 -31.96
C LEU B 532 -30.55 7.08 -32.90
N ARG B 533 -31.30 6.13 -32.34
CA ARG B 533 -32.23 5.34 -33.15
C ARG B 533 -33.74 5.59 -32.87
N GLY B 534 -34.61 5.64 -33.92
CA GLY B 534 -36.04 6.04 -33.78
C GLY B 534 -37.11 5.23 -34.50
#